data_1YVY
#
_entry.id   1YVY
#
_cell.length_a   129.659
_cell.length_b   55.734
_cell.length_c   139.397
_cell.angle_alpha   90.00
_cell.angle_beta   93.77
_cell.angle_gamma   90.00
#
_symmetry.space_group_name_H-M   'C 1 2 1'
#
loop_
_entity.id
_entity.type
_entity.pdbx_description
1 polymer 'Phosphoenolpyruvate carboxykinase [ATP]'
2 water water
#
_entity_poly.entity_id   1
_entity_poly.type   'polypeptide(L)'
_entity_poly.pdbx_seq_one_letter_code
;MSLSESLAKYGITGATNIVHNPSHEELFAAETQASLEGFEKGTVTEMGAVNVMTGVYTGRSPKDKFIVKNEASKEIWWTS
DEFKNDNKPVTEEAWAQLKALAGKELSNKPLYVVDLFCGANENTRLKIRFVMEVAWQAHFVTNMFIRPTEEELKGFEPDF
VVLNASKAKVENFKELGLNSETAVVFNLAEKMQIILNTWYGGEMKKGMFSMMNFYLPLQGIAAMHCSANTDLEGKNTAIF
FGLSGTGKTTLSTDPKRLLIGDDEHGWDDDGVFNFEGGCYAKVINLSKENEPDIWGAIKRNALLENVTVDANGKVDFADK
SVTENTRVSYPIFHIKNIVKPVSKAPAAKRVIFLSADAFGVLPPVSILSKEQTKYYFLSGFTAKLAGTERGITEPTPTFS
SCFGAAFLTLPPTKYAEVLVKRMEASGAKAYLVNTGWNGTGKRISIKDTRGIIDAILDGSIDTANTATIPYFNFTVPTEL
KGVDTKILDPRNTYADASEWEVKAKDLAERFQKNFKKFESLGGDLVKAGPQL
;
_entity_poly.pdbx_strand_id   A,B
#
# COMPACT_ATOMS: atom_id res chain seq x y z
N SER A 2 -57.25 6.65 -5.07
CA SER A 2 -57.05 5.92 -3.79
C SER A 2 -55.62 5.44 -3.66
N LEU A 3 -54.94 5.32 -4.81
CA LEU A 3 -53.55 4.89 -4.84
C LEU A 3 -52.66 6.10 -5.13
N SER A 4 -53.27 7.12 -5.74
CA SER A 4 -52.56 8.35 -6.06
C SER A 4 -52.22 9.09 -4.77
N GLU A 5 -53.16 9.09 -3.83
CA GLU A 5 -52.92 9.75 -2.54
C GLU A 5 -51.90 8.96 -1.74
N SER A 6 -51.85 7.65 -1.95
CA SER A 6 -50.89 6.82 -1.26
C SER A 6 -49.50 7.16 -1.77
N LEU A 7 -49.35 7.27 -3.09
CA LEU A 7 -48.06 7.62 -3.66
C LEU A 7 -47.69 9.05 -3.25
N ALA A 8 -48.71 9.91 -3.17
CA ALA A 8 -48.49 11.30 -2.78
C ALA A 8 -48.02 11.32 -1.34
N LYS A 9 -48.50 10.36 -0.56
CA LYS A 9 -48.12 10.26 0.84
C LYS A 9 -46.66 9.78 0.93
N TYR A 10 -46.17 9.09 -0.11
CA TYR A 10 -44.80 8.60 -0.12
C TYR A 10 -43.84 9.64 -0.69
N GLY A 11 -44.40 10.73 -1.22
CA GLY A 11 -43.57 11.78 -1.78
C GLY A 11 -43.46 11.67 -3.29
N ILE A 12 -44.30 10.82 -3.86
CA ILE A 12 -44.31 10.60 -5.30
C ILE A 12 -45.56 11.22 -5.92
N THR A 13 -45.35 12.09 -6.90
CA THR A 13 -46.45 12.75 -7.58
C THR A 13 -46.27 12.76 -9.09
N GLY A 14 -47.37 12.90 -9.81
CA GLY A 14 -47.32 12.93 -11.26
C GLY A 14 -47.31 11.58 -11.96
N ALA A 15 -47.83 10.55 -11.30
CA ALA A 15 -47.87 9.22 -11.88
C ALA A 15 -48.66 9.21 -13.18
N THR A 16 -47.98 9.00 -14.32
CA THR A 16 -48.67 8.97 -15.61
C THR A 16 -49.42 7.65 -15.78
N ASN A 17 -48.78 6.55 -15.41
CA ASN A 17 -49.40 5.24 -15.52
C ASN A 17 -49.05 4.43 -14.28
N ILE A 18 -50.04 3.75 -13.71
CA ILE A 18 -49.80 2.94 -12.53
C ILE A 18 -50.18 1.48 -12.78
N VAL A 19 -49.17 0.62 -12.90
CA VAL A 19 -49.38 -0.81 -13.12
C VAL A 19 -49.35 -1.47 -11.74
N HIS A 20 -50.50 -1.96 -11.31
CA HIS A 20 -50.65 -2.57 -10.00
C HIS A 20 -50.73 -4.10 -10.05
N ASN A 21 -49.78 -4.74 -9.38
CA ASN A 21 -49.68 -6.20 -9.33
C ASN A 21 -49.73 -6.87 -10.69
N PRO A 22 -48.88 -6.43 -11.62
CA PRO A 22 -48.87 -7.00 -12.96
C PRO A 22 -48.61 -8.50 -12.95
N SER A 23 -49.25 -9.17 -13.90
CA SER A 23 -49.11 -10.60 -14.05
C SER A 23 -47.78 -10.86 -14.73
N HIS A 24 -47.32 -12.11 -14.63
CA HIS A 24 -46.06 -12.49 -15.25
C HIS A 24 -46.06 -12.11 -16.74
N GLU A 25 -47.21 -12.26 -17.41
CA GLU A 25 -47.30 -11.92 -18.83
C GLU A 25 -46.98 -10.45 -19.03
N GLU A 26 -47.67 -9.57 -18.31
CA GLU A 26 -47.44 -8.14 -18.44
C GLU A 26 -45.99 -7.77 -18.11
N LEU A 27 -45.38 -8.54 -17.21
CA LEU A 27 -43.99 -8.26 -16.83
C LEU A 27 -43.06 -8.61 -17.97
N PHE A 28 -43.25 -9.80 -18.53
CA PHE A 28 -42.45 -10.28 -19.64
C PHE A 28 -42.42 -9.26 -20.78
N ALA A 29 -43.61 -8.84 -21.21
CA ALA A 29 -43.74 -7.87 -22.27
C ALA A 29 -42.99 -6.58 -21.93
N ALA A 30 -43.17 -6.09 -20.71
CA ALA A 30 -42.52 -4.85 -20.27
C ALA A 30 -41.00 -4.96 -20.28
N GLU A 31 -40.49 -6.10 -19.83
CA GLU A 31 -39.06 -6.38 -19.76
C GLU A 31 -38.42 -6.49 -21.13
N THR A 32 -39.19 -7.01 -22.08
CA THR A 32 -38.72 -7.22 -23.43
C THR A 32 -39.14 -6.09 -24.39
N GLN A 33 -39.00 -4.85 -23.94
CA GLN A 33 -39.34 -3.69 -24.75
C GLN A 33 -38.07 -3.04 -25.29
N ALA A 34 -38.03 -2.80 -26.60
CA ALA A 34 -36.88 -2.21 -27.25
C ALA A 34 -36.53 -0.84 -26.71
N SER A 35 -37.56 -0.11 -26.28
CA SER A 35 -37.35 1.24 -25.74
C SER A 35 -36.51 1.20 -24.46
N LEU A 36 -36.63 0.10 -23.72
CA LEU A 36 -35.89 -0.05 -22.46
C LEU A 36 -34.40 0.20 -22.63
N GLU A 37 -33.90 1.25 -21.98
CA GLU A 37 -32.49 1.61 -22.04
C GLU A 37 -31.77 1.23 -20.75
N GLY A 38 -30.45 1.20 -20.81
CA GLY A 38 -29.66 0.87 -19.63
C GLY A 38 -29.91 -0.51 -19.05
N PHE A 39 -29.82 -0.60 -17.72
CA PHE A 39 -30.02 -1.87 -17.04
C PHE A 39 -31.49 -2.26 -16.88
N GLU A 40 -32.40 -1.47 -17.45
CA GLU A 40 -33.81 -1.82 -17.36
C GLU A 40 -34.17 -2.92 -18.35
N LYS A 41 -33.41 -3.05 -19.41
CA LYS A 41 -33.69 -4.05 -20.43
C LYS A 41 -33.48 -5.51 -20.04
N GLY A 42 -34.45 -6.33 -20.44
CA GLY A 42 -34.38 -7.75 -20.17
C GLY A 42 -34.24 -8.49 -21.50
N THR A 43 -33.52 -9.61 -21.48
CA THR A 43 -33.31 -10.42 -22.68
C THR A 43 -33.83 -11.82 -22.44
N VAL A 44 -34.52 -12.38 -23.43
CA VAL A 44 -35.06 -13.74 -23.36
C VAL A 44 -33.96 -14.75 -23.72
N THR A 45 -33.65 -15.65 -22.80
CA THR A 45 -32.63 -16.66 -23.03
C THR A 45 -33.31 -17.88 -23.69
N GLU A 46 -32.52 -18.84 -24.15
CA GLU A 46 -33.08 -20.02 -24.79
C GLU A 46 -33.85 -20.85 -23.76
N MET A 47 -33.56 -20.61 -22.48
CA MET A 47 -34.23 -21.35 -21.41
C MET A 47 -35.61 -20.78 -21.12
N GLY A 48 -35.96 -19.71 -21.82
CA GLY A 48 -37.27 -19.11 -21.62
C GLY A 48 -37.31 -18.03 -20.55
N ALA A 49 -36.41 -18.13 -19.58
CA ALA A 49 -36.37 -17.14 -18.51
C ALA A 49 -35.71 -15.88 -19.03
N VAL A 50 -36.15 -14.74 -18.51
CA VAL A 50 -35.58 -13.46 -18.88
C VAL A 50 -34.35 -13.24 -17.99
N ASN A 51 -33.38 -12.46 -18.48
CA ASN A 51 -32.16 -12.14 -17.73
C ASN A 51 -31.92 -10.65 -17.81
N VAL A 52 -31.43 -10.05 -16.72
CA VAL A 52 -31.14 -8.61 -16.67
C VAL A 52 -29.79 -8.34 -15.99
N MET A 53 -29.22 -7.16 -16.22
CA MET A 53 -27.97 -6.80 -15.59
C MET A 53 -28.31 -5.79 -14.50
N THR A 54 -27.57 -5.81 -13.40
CA THR A 54 -27.86 -4.89 -12.31
C THR A 54 -26.86 -3.75 -12.22
N GLY A 55 -26.01 -3.67 -13.24
CA GLY A 55 -25.01 -2.61 -13.28
C GLY A 55 -23.79 -2.85 -12.40
N VAL A 56 -23.41 -1.80 -11.68
CA VAL A 56 -22.26 -1.79 -10.80
C VAL A 56 -22.37 -2.70 -9.58
N TYR A 57 -23.57 -2.86 -9.04
CA TYR A 57 -23.72 -3.72 -7.88
C TYR A 57 -24.37 -5.03 -8.25
N THR A 58 -23.65 -6.11 -7.98
CA THR A 58 -24.12 -7.46 -8.26
C THR A 58 -24.23 -8.20 -6.93
N GLY A 59 -24.40 -7.43 -5.86
CA GLY A 59 -24.51 -8.01 -4.55
C GLY A 59 -24.85 -6.93 -3.56
N ARG A 60 -25.13 -7.35 -2.32
CA ARG A 60 -25.48 -6.40 -1.27
C ARG A 60 -24.36 -5.43 -0.97
N SER A 61 -24.71 -4.27 -0.45
CA SER A 61 -23.72 -3.25 -0.14
C SER A 61 -24.01 -2.77 1.29
N PRO A 62 -23.67 -3.61 2.29
CA PRO A 62 -23.88 -3.32 3.72
C PRO A 62 -23.35 -1.99 4.23
N LYS A 63 -22.35 -1.44 3.58
CA LYS A 63 -21.79 -0.17 4.02
C LYS A 63 -22.73 1.00 3.70
N ASP A 64 -23.68 0.77 2.80
CA ASP A 64 -24.63 1.82 2.43
C ASP A 64 -26.00 1.61 3.06
N LYS A 65 -26.05 0.69 4.02
CA LYS A 65 -27.31 0.40 4.69
C LYS A 65 -27.40 1.21 5.98
N PHE A 66 -28.46 2.01 6.08
CA PHE A 66 -28.68 2.84 7.25
C PHE A 66 -30.13 2.75 7.71
N ILE A 67 -30.37 3.17 8.95
CA ILE A 67 -31.69 3.18 9.57
C ILE A 67 -31.82 4.54 10.22
N VAL A 68 -32.96 5.19 10.03
CA VAL A 68 -33.16 6.52 10.59
C VAL A 68 -33.21 6.41 12.11
N LYS A 69 -32.36 7.21 12.76
CA LYS A 69 -32.29 7.24 14.21
C LYS A 69 -33.39 8.14 14.76
N ASN A 70 -34.46 7.53 15.25
CA ASN A 70 -35.56 8.26 15.86
C ASN A 70 -36.18 7.36 16.93
N GLU A 71 -37.25 7.83 17.57
CA GLU A 71 -37.89 7.06 18.63
C GLU A 71 -38.38 5.70 18.16
N ALA A 72 -38.92 5.66 16.94
CA ALA A 72 -39.43 4.41 16.36
C ALA A 72 -38.36 3.32 16.29
N SER A 73 -37.09 3.73 16.24
CA SER A 73 -35.99 2.75 16.16
C SER A 73 -35.16 2.62 17.43
N LYS A 74 -35.72 3.00 18.57
CA LYS A 74 -35.01 2.92 19.84
C LYS A 74 -34.65 1.47 20.20
N GLU A 75 -35.49 0.53 19.78
CA GLU A 75 -35.23 -0.87 20.10
C GLU A 75 -34.21 -1.49 19.13
N ILE A 76 -33.79 -0.74 18.12
CA ILE A 76 -32.82 -1.23 17.16
C ILE A 76 -31.46 -1.52 17.82
N TRP A 77 -30.83 -2.60 17.40
CA TRP A 77 -29.53 -3.02 17.93
C TRP A 77 -28.43 -2.25 17.21
N TRP A 78 -28.32 -0.97 17.53
CA TRP A 78 -27.33 -0.09 16.94
C TRP A 78 -25.92 -0.61 17.08
N THR A 79 -25.11 -0.34 16.07
CA THR A 79 -23.71 -0.74 16.05
C THR A 79 -22.95 0.16 17.02
N SER A 80 -21.82 -0.33 17.55
CA SER A 80 -21.02 0.44 18.48
C SER A 80 -19.63 -0.14 18.62
N ASP A 81 -18.75 0.60 19.30
CA ASP A 81 -17.37 0.19 19.53
C ASP A 81 -17.32 -1.24 20.08
N GLU A 82 -18.16 -1.55 21.08
CA GLU A 82 -18.18 -2.90 21.65
C GLU A 82 -18.65 -3.99 20.67
N PHE A 83 -19.71 -3.72 19.92
CA PHE A 83 -20.21 -4.70 18.96
C PHE A 83 -20.64 -4.01 17.65
N LYS A 84 -19.81 -4.13 16.62
CA LYS A 84 -20.13 -3.49 15.34
C LYS A 84 -21.04 -4.33 14.46
N ASN A 85 -22.12 -3.71 14.00
CA ASN A 85 -23.08 -4.38 13.13
C ASN A 85 -23.48 -3.40 12.01
N ASP A 86 -24.30 -3.86 11.06
CA ASP A 86 -24.72 -3.05 9.91
C ASP A 86 -25.75 -1.97 10.18
N ASN A 87 -26.36 -2.01 11.34
CA ASN A 87 -27.38 -1.05 11.74
C ASN A 87 -26.72 0.31 12.05
N LYS A 88 -26.46 1.08 10.99
CA LYS A 88 -25.82 2.38 11.08
C LYS A 88 -26.87 3.48 11.12
N PRO A 89 -26.79 4.37 12.12
CA PRO A 89 -27.72 5.48 12.31
C PRO A 89 -27.62 6.61 11.27
N VAL A 90 -28.76 7.18 10.89
CA VAL A 90 -28.80 8.28 9.93
C VAL A 90 -29.74 9.32 10.56
N THR A 91 -29.57 10.60 10.23
CA THR A 91 -30.43 11.62 10.83
C THR A 91 -31.76 11.78 10.10
N GLU A 92 -32.74 12.35 10.80
CA GLU A 92 -34.04 12.58 10.19
C GLU A 92 -33.84 13.54 9.03
N GLU A 93 -32.80 14.36 9.12
CA GLU A 93 -32.52 15.31 8.05
C GLU A 93 -32.13 14.56 6.78
N ALA A 94 -31.22 13.61 6.93
CA ALA A 94 -30.78 12.82 5.78
C ALA A 94 -31.95 12.08 5.14
N TRP A 95 -32.87 11.59 5.96
CA TRP A 95 -34.01 10.87 5.42
C TRP A 95 -34.85 11.77 4.52
N ALA A 96 -35.24 12.94 5.03
CA ALA A 96 -36.04 13.88 4.26
C ALA A 96 -35.46 14.07 2.84
N GLN A 97 -34.16 14.26 2.74
CA GLN A 97 -33.53 14.44 1.43
C GLN A 97 -33.49 13.15 0.62
N LEU A 98 -33.31 12.02 1.29
CA LEU A 98 -33.27 10.73 0.61
C LEU A 98 -34.67 10.36 0.14
N LYS A 99 -35.69 10.81 0.87
CA LYS A 99 -37.06 10.52 0.47
C LYS A 99 -37.46 11.48 -0.63
N ALA A 100 -36.76 12.61 -0.70
CA ALA A 100 -37.04 13.59 -1.73
C ALA A 100 -36.53 13.06 -3.05
N LEU A 101 -35.29 12.58 -3.02
CA LEU A 101 -34.64 12.02 -4.20
C LEU A 101 -35.47 10.86 -4.73
N ALA A 102 -35.81 9.93 -3.83
CA ALA A 102 -36.59 8.76 -4.21
C ALA A 102 -37.91 9.22 -4.82
N GLY A 103 -38.63 10.07 -4.10
CA GLY A 103 -39.90 10.57 -4.60
C GLY A 103 -39.79 11.20 -5.97
N LYS A 104 -38.80 12.06 -6.17
CA LYS A 104 -38.61 12.73 -7.45
C LYS A 104 -38.34 11.73 -8.58
N GLU A 105 -37.35 10.87 -8.38
CA GLU A 105 -36.96 9.86 -9.35
C GLU A 105 -38.15 9.01 -9.80
N LEU A 106 -39.08 8.78 -8.90
CA LEU A 106 -40.23 7.97 -9.21
C LEU A 106 -41.49 8.80 -9.47
N SER A 107 -41.30 10.06 -9.83
CA SER A 107 -42.42 10.94 -10.12
C SER A 107 -42.49 11.30 -11.60
N ASN A 108 -43.71 11.51 -12.07
CA ASN A 108 -43.98 11.87 -13.45
C ASN A 108 -43.50 10.81 -14.44
N LYS A 109 -43.92 9.57 -14.22
CA LYS A 109 -43.54 8.49 -15.10
C LYS A 109 -44.36 7.25 -14.79
N PRO A 110 -44.39 6.28 -15.72
CA PRO A 110 -45.15 5.07 -15.49
C PRO A 110 -44.49 4.23 -14.38
N LEU A 111 -45.21 4.06 -13.28
CA LEU A 111 -44.71 3.29 -12.14
C LEU A 111 -45.37 1.93 -12.04
N TYR A 112 -44.74 1.06 -11.26
CA TYR A 112 -45.23 -0.29 -10.98
C TYR A 112 -45.41 -0.33 -9.46
N VAL A 113 -46.55 -0.82 -9.00
CA VAL A 113 -46.81 -0.93 -7.58
C VAL A 113 -47.22 -2.37 -7.39
N VAL A 114 -46.55 -3.05 -6.48
CA VAL A 114 -46.88 -4.44 -6.25
C VAL A 114 -47.13 -4.61 -4.76
N ASP A 115 -48.36 -4.98 -4.42
CA ASP A 115 -48.71 -5.20 -3.03
C ASP A 115 -48.59 -6.68 -2.78
N LEU A 116 -47.70 -7.05 -1.86
CA LEU A 116 -47.47 -8.46 -1.58
C LEU A 116 -47.42 -8.73 -0.08
N PHE A 117 -47.32 -10.00 0.28
CA PHE A 117 -47.23 -10.44 1.67
C PHE A 117 -45.82 -11.05 1.98
N CYS A 118 -45.31 -10.82 3.19
CA CYS A 118 -44.07 -11.38 3.67
C CYS A 118 -44.47 -12.28 4.86
N GLY A 119 -44.34 -13.59 4.68
CA GLY A 119 -44.75 -14.57 5.68
C GLY A 119 -45.98 -15.33 5.19
N ALA A 120 -45.92 -16.66 5.17
CA ALA A 120 -47.03 -17.50 4.68
C ALA A 120 -48.19 -17.74 5.67
N ASN A 121 -48.01 -17.35 6.92
CA ASN A 121 -49.04 -17.53 7.94
C ASN A 121 -49.95 -16.31 7.89
N GLU A 122 -51.20 -16.52 7.46
CA GLU A 122 -52.18 -15.44 7.36
C GLU A 122 -52.09 -14.50 8.56
N ASN A 123 -51.86 -15.05 9.75
CA ASN A 123 -51.75 -14.23 10.94
C ASN A 123 -50.25 -14.00 11.17
N THR A 124 -49.89 -12.81 11.64
CA THR A 124 -48.48 -12.53 11.89
C THR A 124 -47.72 -12.20 10.60
N ARG A 125 -48.43 -12.03 9.49
CA ARG A 125 -47.78 -11.70 8.21
C ARG A 125 -47.68 -10.20 8.04
N LEU A 126 -46.76 -9.73 7.21
CA LEU A 126 -46.64 -8.30 6.98
C LEU A 126 -47.05 -7.96 5.56
N LYS A 127 -47.78 -6.85 5.42
CA LYS A 127 -48.23 -6.42 4.12
C LYS A 127 -47.17 -5.46 3.59
N ILE A 128 -46.62 -5.78 2.43
CA ILE A 128 -45.58 -4.95 1.85
C ILE A 128 -46.00 -4.34 0.52
N ARG A 129 -45.68 -3.05 0.37
CA ARG A 129 -45.97 -2.33 -0.86
C ARG A 129 -44.64 -1.92 -1.49
N PHE A 130 -44.44 -2.34 -2.74
CA PHE A 130 -43.22 -1.99 -3.48
C PHE A 130 -43.62 -0.98 -4.54
N VAL A 131 -42.70 -0.08 -4.84
CA VAL A 131 -42.93 0.95 -5.85
C VAL A 131 -41.59 1.12 -6.57
N MET A 132 -41.60 0.87 -7.87
CA MET A 132 -40.40 0.99 -8.68
C MET A 132 -40.80 1.41 -10.10
N GLU A 133 -39.84 1.93 -10.88
CA GLU A 133 -40.12 2.34 -12.25
C GLU A 133 -39.59 1.32 -13.24
N VAL A 134 -38.96 0.26 -12.73
CA VAL A 134 -38.39 -0.78 -13.58
C VAL A 134 -39.23 -2.06 -13.50
N ALA A 135 -39.75 -2.50 -14.64
CA ALA A 135 -40.59 -3.70 -14.67
C ALA A 135 -39.94 -4.93 -14.06
N TRP A 136 -38.71 -5.24 -14.44
CA TRP A 136 -38.10 -6.42 -13.87
C TRP A 136 -37.91 -6.30 -12.35
N GLN A 137 -37.80 -5.08 -11.82
CA GLN A 137 -37.66 -4.95 -10.39
C GLN A 137 -38.97 -5.38 -9.75
N ALA A 138 -40.08 -5.04 -10.41
CA ALA A 138 -41.42 -5.38 -9.94
C ALA A 138 -41.62 -6.88 -10.10
N HIS A 139 -41.01 -7.42 -11.14
CA HIS A 139 -41.09 -8.83 -11.42
C HIS A 139 -40.34 -9.61 -10.33
N PHE A 140 -39.23 -9.05 -9.87
CA PHE A 140 -38.44 -9.70 -8.83
C PHE A 140 -39.23 -9.87 -7.54
N VAL A 141 -39.79 -8.80 -7.00
CA VAL A 141 -40.56 -8.90 -5.77
C VAL A 141 -41.76 -9.84 -5.95
N THR A 142 -42.31 -9.90 -7.16
CA THR A 142 -43.47 -10.77 -7.43
C THR A 142 -43.05 -12.22 -7.31
N ASN A 143 -41.82 -12.52 -7.69
CA ASN A 143 -41.34 -13.91 -7.58
C ASN A 143 -41.01 -14.19 -6.12
N MET A 144 -40.29 -13.27 -5.48
CA MET A 144 -39.83 -13.46 -4.11
C MET A 144 -40.77 -13.32 -2.92
N PHE A 145 -41.95 -12.77 -3.13
CA PHE A 145 -42.89 -12.59 -2.03
C PHE A 145 -44.22 -13.33 -2.28
N ILE A 146 -45.07 -13.42 -1.26
CA ILE A 146 -46.34 -14.10 -1.35
C ILE A 146 -47.34 -13.25 -2.11
N ARG A 147 -47.86 -13.81 -3.20
CA ARG A 147 -48.81 -13.12 -4.06
C ARG A 147 -50.27 -13.23 -3.62
N PRO A 148 -50.87 -12.12 -3.16
CA PRO A 148 -52.27 -12.14 -2.72
C PRO A 148 -53.22 -12.54 -3.84
N THR A 149 -54.43 -12.92 -3.48
CA THR A 149 -55.45 -13.37 -4.41
C THR A 149 -56.29 -12.28 -5.07
N GLU A 150 -55.77 -11.06 -5.17
CA GLU A 150 -56.52 -9.98 -5.80
C GLU A 150 -57.77 -9.64 -4.98
N GLU A 151 -58.21 -10.61 -4.19
CA GLU A 151 -59.35 -10.42 -3.32
C GLU A 151 -58.75 -9.80 -2.07
N GLU A 152 -57.63 -10.36 -1.64
CA GLU A 152 -56.89 -9.88 -0.46
C GLU A 152 -56.36 -8.50 -0.80
N LEU A 153 -56.19 -8.25 -2.10
CA LEU A 153 -55.68 -6.97 -2.58
C LEU A 153 -56.79 -5.94 -2.69
N LYS A 154 -58.03 -6.36 -2.43
CA LYS A 154 -59.17 -5.45 -2.50
C LYS A 154 -58.92 -4.22 -1.62
N GLY A 155 -58.70 -4.44 -0.33
CA GLY A 155 -58.43 -3.33 0.56
C GLY A 155 -57.08 -3.51 1.22
N PHE A 156 -56.03 -3.57 0.39
CA PHE A 156 -54.67 -3.77 0.86
C PHE A 156 -54.10 -2.56 1.57
N GLU A 157 -53.78 -2.72 2.85
CA GLU A 157 -53.21 -1.64 3.65
C GLU A 157 -51.79 -2.06 4.04
N PRO A 158 -50.78 -1.50 3.34
CA PRO A 158 -49.36 -1.76 3.54
C PRO A 158 -48.87 -1.58 4.98
N ASP A 159 -48.14 -2.56 5.49
CA ASP A 159 -47.59 -2.45 6.84
C ASP A 159 -46.23 -1.79 6.67
N PHE A 160 -45.62 -2.02 5.51
CA PHE A 160 -44.31 -1.45 5.22
C PHE A 160 -44.27 -1.16 3.71
N VAL A 161 -43.69 -0.01 3.34
CA VAL A 161 -43.58 0.40 1.95
C VAL A 161 -42.13 0.49 1.50
N VAL A 162 -41.85 0.06 0.27
CA VAL A 162 -40.49 0.09 -0.27
C VAL A 162 -40.44 0.87 -1.58
N LEU A 163 -39.57 1.86 -1.64
CA LEU A 163 -39.43 2.66 -2.85
C LEU A 163 -38.08 2.34 -3.48
N ASN A 164 -38.10 1.70 -4.64
CA ASN A 164 -36.86 1.38 -5.32
C ASN A 164 -36.57 2.54 -6.27
N ALA A 165 -35.64 3.40 -5.89
CA ALA A 165 -35.26 4.52 -6.75
C ALA A 165 -33.83 4.30 -7.21
N SER A 166 -33.56 3.09 -7.69
CA SER A 166 -32.22 2.70 -8.15
C SER A 166 -31.60 3.57 -9.23
N LYS A 167 -32.43 4.12 -10.12
CA LYS A 167 -31.90 4.98 -11.17
C LYS A 167 -31.37 6.32 -10.62
N ALA A 168 -31.70 6.64 -9.37
CA ALA A 168 -31.21 7.89 -8.78
C ALA A 168 -30.08 7.59 -7.79
N LYS A 169 -29.37 8.63 -7.37
CA LYS A 169 -28.26 8.46 -6.44
C LYS A 169 -28.15 9.65 -5.49
N VAL A 170 -27.13 9.65 -4.64
CA VAL A 170 -26.95 10.72 -3.67
C VAL A 170 -25.54 11.28 -3.77
N GLU A 171 -25.39 12.34 -4.56
CA GLU A 171 -24.08 12.97 -4.76
C GLU A 171 -23.60 13.61 -3.46
N ASN A 172 -24.52 14.22 -2.73
CA ASN A 172 -24.18 14.87 -1.46
C ASN A 172 -24.19 13.86 -0.32
N PHE A 173 -23.71 12.66 -0.61
CA PHE A 173 -23.68 11.60 0.39
C PHE A 173 -22.77 11.92 1.58
N LYS A 174 -21.67 12.62 1.32
CA LYS A 174 -20.72 12.97 2.37
C LYS A 174 -21.36 13.88 3.40
N GLU A 175 -22.13 14.85 2.94
CA GLU A 175 -22.78 15.79 3.84
C GLU A 175 -23.90 15.14 4.64
N LEU A 176 -24.67 14.26 3.99
CA LEU A 176 -25.78 13.57 4.65
C LEU A 176 -25.30 12.50 5.63
N GLY A 177 -23.99 12.30 5.68
CA GLY A 177 -23.42 11.32 6.59
C GLY A 177 -23.46 9.89 6.09
N LEU A 178 -23.66 9.72 4.79
CA LEU A 178 -23.70 8.39 4.21
C LEU A 178 -22.29 7.96 3.82
N ASN A 179 -22.18 6.80 3.19
CA ASN A 179 -20.89 6.26 2.81
C ASN A 179 -20.55 6.47 1.34
N SER A 180 -21.57 6.57 0.49
CA SER A 180 -21.34 6.74 -0.93
C SER A 180 -22.63 7.21 -1.57
N GLU A 181 -22.66 7.32 -2.89
CA GLU A 181 -23.87 7.75 -3.58
C GLU A 181 -24.94 6.67 -3.52
N THR A 182 -24.56 5.48 -3.04
CA THR A 182 -25.50 4.36 -2.93
C THR A 182 -26.13 4.35 -1.56
N ALA A 183 -27.45 4.19 -1.47
CA ALA A 183 -28.10 4.20 -0.18
C ALA A 183 -29.30 3.27 -0.07
N VAL A 184 -29.32 2.50 1.00
CA VAL A 184 -30.41 1.61 1.30
C VAL A 184 -30.74 1.99 2.72
N VAL A 185 -31.80 2.80 2.88
CA VAL A 185 -32.19 3.30 4.18
C VAL A 185 -33.61 2.90 4.58
N PHE A 186 -33.78 2.65 5.86
CA PHE A 186 -35.06 2.23 6.43
C PHE A 186 -35.50 3.25 7.48
N ASN A 187 -36.81 3.46 7.55
CA ASN A 187 -37.38 4.39 8.52
C ASN A 187 -38.56 3.68 9.17
N LEU A 188 -38.42 3.29 10.43
CA LEU A 188 -39.47 2.59 11.14
C LEU A 188 -40.61 3.51 11.51
N ALA A 189 -40.34 4.81 11.56
CA ALA A 189 -41.39 5.77 11.90
C ALA A 189 -42.38 5.79 10.74
N GLU A 190 -41.89 5.91 9.52
CA GLU A 190 -42.79 5.92 8.36
C GLU A 190 -42.95 4.51 7.81
N LYS A 191 -42.25 3.54 8.39
CA LYS A 191 -42.33 2.16 7.92
C LYS A 191 -42.05 2.14 6.41
N MET A 192 -40.90 2.68 6.03
CA MET A 192 -40.52 2.75 4.62
C MET A 192 -39.05 2.46 4.35
N GLN A 193 -38.79 1.73 3.26
CA GLN A 193 -37.40 1.43 2.89
C GLN A 193 -37.07 2.11 1.58
N ILE A 194 -35.92 2.74 1.53
CA ILE A 194 -35.51 3.42 0.31
C ILE A 194 -34.25 2.82 -0.27
N ILE A 195 -34.30 2.55 -1.57
CA ILE A 195 -33.18 1.99 -2.29
C ILE A 195 -32.72 2.97 -3.36
N LEU A 196 -31.48 3.43 -3.24
CA LEU A 196 -30.92 4.36 -4.21
C LEU A 196 -29.59 3.88 -4.75
N ASN A 197 -29.45 3.99 -6.06
CA ASN A 197 -28.22 3.68 -6.77
C ASN A 197 -27.71 2.25 -6.75
N THR A 198 -28.59 1.27 -6.62
CA THR A 198 -28.19 -0.13 -6.66
C THR A 198 -29.37 -0.89 -7.18
N TRP A 199 -29.10 -1.77 -8.15
CA TRP A 199 -30.13 -2.55 -8.78
C TRP A 199 -30.13 -3.98 -8.33
N TYR A 200 -29.21 -4.34 -7.43
CA TYR A 200 -29.17 -5.72 -6.97
C TYR A 200 -30.50 -6.01 -6.27
N GLY A 201 -31.24 -6.97 -6.81
CA GLY A 201 -32.53 -7.32 -6.25
C GLY A 201 -32.47 -7.78 -4.81
N GLY A 202 -31.31 -8.27 -4.40
CA GLY A 202 -31.16 -8.76 -3.04
C GLY A 202 -31.37 -7.69 -1.99
N GLU A 203 -31.35 -6.43 -2.40
CA GLU A 203 -31.56 -5.33 -1.46
C GLU A 203 -33.02 -5.33 -1.01
N MET A 204 -33.91 -5.70 -1.92
CA MET A 204 -35.33 -5.75 -1.63
C MET A 204 -35.69 -6.97 -0.77
N LYS A 205 -35.13 -8.12 -1.13
CA LYS A 205 -35.36 -9.35 -0.40
C LYS A 205 -34.81 -9.27 1.03
N LYS A 206 -33.52 -8.97 1.15
CA LYS A 206 -32.89 -8.88 2.47
C LYS A 206 -33.33 -7.67 3.29
N GLY A 207 -33.77 -6.62 2.62
CA GLY A 207 -34.22 -5.44 3.35
C GLY A 207 -35.48 -5.77 4.11
N MET A 208 -36.40 -6.51 3.50
CA MET A 208 -37.63 -6.88 4.17
C MET A 208 -37.35 -7.96 5.21
N PHE A 209 -36.38 -8.81 4.93
CA PHE A 209 -36.02 -9.88 5.86
C PHE A 209 -35.54 -9.19 7.15
N SER A 210 -34.75 -8.14 6.98
CA SER A 210 -34.22 -7.38 8.10
C SER A 210 -35.35 -6.74 8.89
N MET A 211 -36.40 -6.35 8.19
CA MET A 211 -37.52 -5.73 8.84
C MET A 211 -38.35 -6.79 9.55
N MET A 212 -38.55 -7.94 8.91
CA MET A 212 -39.26 -9.03 9.56
C MET A 212 -38.47 -9.38 10.84
N ASN A 213 -37.15 -9.39 10.74
CA ASN A 213 -36.31 -9.73 11.91
C ASN A 213 -36.46 -8.71 13.04
N PHE A 214 -37.20 -7.66 12.78
CA PHE A 214 -37.42 -6.64 13.78
C PHE A 214 -38.79 -6.81 14.42
N TYR A 215 -39.83 -6.91 13.60
CA TYR A 215 -41.20 -7.01 14.08
C TYR A 215 -41.64 -8.35 14.66
N LEU A 216 -41.18 -9.45 14.09
CA LEU A 216 -41.59 -10.74 14.58
C LEU A 216 -41.05 -11.09 15.97
N PRO A 217 -39.73 -10.92 16.17
CA PRO A 217 -39.17 -11.24 17.49
C PRO A 217 -39.80 -10.41 18.62
N LEU A 218 -40.22 -9.19 18.29
CA LEU A 218 -40.86 -8.33 19.29
C LEU A 218 -42.27 -8.86 19.62
N GLN A 219 -42.77 -9.80 18.83
CA GLN A 219 -44.08 -10.38 19.09
C GLN A 219 -43.98 -11.85 19.49
N GLY A 220 -42.79 -12.29 19.88
CA GLY A 220 -42.61 -13.67 20.29
C GLY A 220 -42.45 -14.65 19.15
N ILE A 221 -42.43 -14.11 17.93
CA ILE A 221 -42.30 -14.92 16.71
C ILE A 221 -40.81 -14.99 16.33
N ALA A 222 -40.28 -16.20 16.20
CA ALA A 222 -38.88 -16.33 15.84
C ALA A 222 -38.72 -16.01 14.35
N ALA A 223 -37.66 -15.27 14.04
CA ALA A 223 -37.31 -14.85 12.69
C ALA A 223 -35.98 -15.55 12.50
N MET A 224 -35.88 -16.38 11.46
CA MET A 224 -34.69 -17.17 11.25
C MET A 224 -34.11 -17.19 9.85
N HIS A 225 -32.79 -17.18 9.77
CA HIS A 225 -32.12 -17.24 8.49
C HIS A 225 -31.82 -18.72 8.29
N CYS A 226 -32.84 -19.46 7.84
CA CYS A 226 -32.72 -20.90 7.66
C CYS A 226 -33.55 -21.44 6.51
N SER A 227 -33.38 -22.73 6.23
CA SER A 227 -34.17 -23.42 5.21
C SER A 227 -35.04 -24.34 6.06
N ALA A 228 -36.11 -24.86 5.50
CA ALA A 228 -37.01 -25.71 6.27
C ALA A 228 -37.76 -26.71 5.41
N ASN A 229 -37.89 -27.95 5.90
CA ASN A 229 -38.60 -28.97 5.17
C ASN A 229 -39.36 -29.89 6.12
N THR A 230 -40.26 -30.69 5.56
CA THR A 230 -41.07 -31.63 6.31
C THR A 230 -41.01 -32.97 5.58
N ASP A 231 -41.63 -34.00 6.17
CA ASP A 231 -41.67 -35.31 5.55
C ASP A 231 -42.72 -35.24 4.43
N LEU A 232 -42.83 -36.30 3.63
CA LEU A 232 -43.79 -36.33 2.52
C LEU A 232 -45.22 -36.02 2.98
N GLU A 233 -45.48 -36.23 4.26
CA GLU A 233 -46.79 -35.99 4.85
C GLU A 233 -46.99 -34.56 5.38
N GLY A 234 -45.94 -33.75 5.31
CA GLY A 234 -46.03 -32.37 5.78
C GLY A 234 -45.86 -32.21 7.27
N LYS A 235 -45.33 -33.23 7.94
CA LYS A 235 -45.11 -33.20 9.38
C LYS A 235 -43.62 -33.32 9.71
N ASN A 236 -43.30 -33.39 10.99
CA ASN A 236 -41.91 -33.53 11.43
C ASN A 236 -40.97 -32.50 10.80
N THR A 237 -41.40 -31.24 10.90
CA THR A 237 -40.65 -30.10 10.36
C THR A 237 -39.21 -30.03 10.87
N ALA A 238 -38.31 -29.78 9.94
CA ALA A 238 -36.89 -29.63 10.26
C ALA A 238 -36.42 -28.30 9.67
N ILE A 239 -35.62 -27.57 10.44
CA ILE A 239 -35.07 -26.30 10.00
C ILE A 239 -33.54 -26.45 9.95
N PHE A 240 -32.93 -25.94 8.89
CA PHE A 240 -31.48 -26.03 8.65
C PHE A 240 -30.79 -24.67 8.66
N PHE A 241 -29.75 -24.53 9.47
CA PHE A 241 -28.98 -23.28 9.57
C PHE A 241 -27.56 -23.52 9.07
N GLY A 242 -27.00 -22.56 8.37
CA GLY A 242 -25.65 -22.75 7.88
C GLY A 242 -25.28 -21.69 6.89
N LEU A 243 -24.04 -21.21 7.01
CA LEU A 243 -23.53 -20.18 6.14
C LEU A 243 -23.10 -20.81 4.82
N SER A 244 -22.69 -19.98 3.87
CA SER A 244 -22.25 -20.49 2.58
C SER A 244 -21.21 -21.61 2.73
N GLY A 245 -21.24 -22.54 1.78
CA GLY A 245 -20.30 -23.65 1.78
C GLY A 245 -20.59 -24.71 2.82
N THR A 246 -21.71 -24.54 3.51
CA THR A 246 -22.09 -25.46 4.55
C THR A 246 -22.99 -26.60 4.04
N GLY A 247 -23.48 -26.45 2.82
CA GLY A 247 -24.33 -27.46 2.22
C GLY A 247 -25.72 -27.47 2.81
N LYS A 248 -26.23 -26.29 3.16
CA LYS A 248 -27.56 -26.21 3.74
C LYS A 248 -28.64 -26.65 2.76
N THR A 249 -28.56 -26.18 1.52
CA THR A 249 -29.53 -26.52 0.47
C THR A 249 -29.48 -27.99 0.09
N THR A 250 -28.29 -28.44 -0.31
CA THR A 250 -28.11 -29.82 -0.71
C THR A 250 -28.56 -30.76 0.40
N LEU A 251 -28.41 -30.34 1.66
CA LEU A 251 -28.79 -31.18 2.79
C LEU A 251 -30.25 -31.04 3.24
N SER A 252 -30.96 -30.07 2.67
CA SER A 252 -32.37 -29.86 3.01
C SER A 252 -33.24 -30.16 1.80
N THR A 253 -32.59 -30.55 0.71
CA THR A 253 -33.26 -30.90 -0.54
C THR A 253 -33.19 -32.40 -0.73
N ASP A 254 -34.16 -33.12 -0.19
CA ASP A 254 -34.17 -34.58 -0.30
C ASP A 254 -35.46 -35.03 -1.01
N PRO A 255 -35.38 -36.08 -1.85
CA PRO A 255 -36.55 -36.58 -2.55
C PRO A 255 -37.73 -36.91 -1.64
N LYS A 256 -37.44 -37.42 -0.45
CA LYS A 256 -38.50 -37.77 0.48
C LYS A 256 -38.69 -36.67 1.51
N ARG A 257 -38.59 -35.42 1.05
CA ARG A 257 -38.75 -34.26 1.93
C ARG A 257 -39.42 -33.10 1.20
N LEU A 258 -40.44 -32.53 1.83
CA LEU A 258 -41.15 -31.41 1.22
C LEU A 258 -40.50 -30.09 1.62
N LEU A 259 -40.23 -29.25 0.64
CA LEU A 259 -39.58 -27.97 0.87
C LEU A 259 -40.57 -26.89 1.29
N ILE A 260 -40.28 -26.24 2.41
CA ILE A 260 -41.15 -25.16 2.91
C ILE A 260 -40.62 -23.84 2.34
N GLY A 261 -39.31 -23.65 2.48
CA GLY A 261 -38.65 -22.46 1.99
C GLY A 261 -37.15 -22.75 2.06
N ASP A 262 -36.32 -21.87 1.51
CA ASP A 262 -34.90 -22.13 1.52
C ASP A 262 -34.05 -21.03 2.14
N ASP A 263 -34.68 -20.00 2.66
CA ASP A 263 -33.89 -18.92 3.20
C ASP A 263 -34.42 -18.20 4.44
N GLU A 264 -35.68 -17.75 4.39
CA GLU A 264 -36.26 -16.99 5.48
C GLU A 264 -37.48 -17.61 6.08
N HIS A 265 -37.43 -17.90 7.38
CA HIS A 265 -38.60 -18.48 8.03
C HIS A 265 -38.96 -17.85 9.36
N GLY A 266 -40.20 -18.11 9.75
CA GLY A 266 -40.69 -17.61 11.01
C GLY A 266 -41.20 -18.80 11.79
N TRP A 267 -41.50 -18.58 13.06
CA TRP A 267 -42.00 -19.63 13.93
C TRP A 267 -42.95 -18.98 14.91
N ASP A 268 -44.24 -19.02 14.60
CA ASP A 268 -45.24 -18.44 15.46
C ASP A 268 -45.96 -19.56 16.17
N ASP A 269 -47.14 -19.28 16.73
CA ASP A 269 -47.90 -20.31 17.45
C ASP A 269 -48.38 -21.47 16.59
N ASP A 270 -48.55 -21.23 15.29
CA ASP A 270 -49.03 -22.26 14.39
C ASP A 270 -47.92 -23.17 13.89
N GLY A 271 -46.69 -22.65 13.87
CA GLY A 271 -45.58 -23.46 13.41
C GLY A 271 -44.58 -22.67 12.58
N VAL A 272 -43.85 -23.39 11.73
CA VAL A 272 -42.84 -22.79 10.88
C VAL A 272 -43.41 -22.33 9.54
N PHE A 273 -43.12 -21.08 9.17
CA PHE A 273 -43.62 -20.55 7.91
C PHE A 273 -42.58 -19.78 7.10
N ASN A 274 -42.63 -19.98 5.79
CA ASN A 274 -41.72 -19.30 4.89
C ASN A 274 -42.15 -17.84 4.82
N PHE A 275 -41.17 -16.93 4.87
CA PHE A 275 -41.41 -15.50 4.79
C PHE A 275 -41.69 -15.24 3.31
N GLU A 276 -40.97 -15.98 2.47
CA GLU A 276 -41.01 -15.82 1.03
C GLU A 276 -41.96 -16.67 0.18
N GLY A 277 -42.24 -16.17 -1.02
CA GLY A 277 -43.11 -16.86 -1.95
C GLY A 277 -42.28 -17.37 -3.13
N GLY A 278 -40.96 -17.22 -3.01
CA GLY A 278 -40.07 -17.65 -4.05
C GLY A 278 -38.67 -17.97 -3.54
N CYS A 279 -37.77 -18.27 -4.47
CA CYS A 279 -36.39 -18.61 -4.15
C CYS A 279 -35.42 -17.77 -4.99
N TYR A 280 -34.38 -17.30 -4.33
CA TYR A 280 -33.34 -16.46 -4.93
C TYR A 280 -32.05 -17.26 -4.92
N ALA A 281 -31.90 -18.19 -5.86
CA ALA A 281 -30.74 -19.07 -5.91
C ALA A 281 -29.51 -18.60 -6.67
N LYS A 282 -28.35 -19.10 -6.24
CA LYS A 282 -27.11 -18.77 -6.92
C LYS A 282 -26.99 -19.78 -8.05
N VAL A 283 -26.67 -19.30 -9.24
CA VAL A 283 -26.56 -20.19 -10.40
C VAL A 283 -25.16 -20.29 -10.99
N ILE A 284 -24.14 -19.90 -10.23
CA ILE A 284 -22.77 -19.98 -10.73
C ILE A 284 -22.35 -21.46 -10.87
N ASN A 285 -21.81 -21.79 -12.05
CA ASN A 285 -21.38 -23.14 -12.38
C ASN A 285 -22.56 -24.09 -12.20
N LEU A 286 -23.76 -23.62 -12.48
CA LEU A 286 -24.96 -24.44 -12.34
C LEU A 286 -24.91 -25.66 -13.26
N SER A 287 -25.69 -26.69 -12.95
CA SER A 287 -25.69 -27.88 -13.78
C SER A 287 -26.99 -28.66 -13.69
N LYS A 288 -27.54 -29.04 -14.84
CA LYS A 288 -28.79 -29.78 -14.88
C LYS A 288 -28.64 -31.13 -14.18
N GLU A 289 -27.42 -31.61 -14.07
CA GLU A 289 -27.14 -32.89 -13.43
C GLU A 289 -26.87 -32.73 -11.94
N ASN A 290 -26.44 -31.54 -11.53
CA ASN A 290 -26.17 -31.30 -10.12
C ASN A 290 -27.37 -30.64 -9.42
N GLU A 291 -28.06 -29.75 -10.13
CA GLU A 291 -29.22 -29.05 -9.56
C GLU A 291 -30.48 -29.20 -10.43
N PRO A 292 -31.05 -30.42 -10.50
CA PRO A 292 -32.25 -30.67 -11.30
C PRO A 292 -33.42 -29.75 -10.93
N ASP A 293 -33.57 -29.50 -9.62
CA ASP A 293 -34.66 -28.65 -9.12
C ASP A 293 -34.55 -27.23 -9.69
N ILE A 294 -33.44 -26.57 -9.37
CA ILE A 294 -33.16 -25.21 -9.81
C ILE A 294 -33.22 -25.11 -11.33
N TRP A 295 -32.47 -25.98 -12.00
CA TRP A 295 -32.42 -26.00 -13.45
C TRP A 295 -33.83 -26.01 -14.04
N GLY A 296 -34.66 -26.95 -13.61
CA GLY A 296 -36.01 -27.02 -14.12
C GLY A 296 -36.87 -25.84 -13.70
N ALA A 297 -36.38 -25.03 -12.77
CA ALA A 297 -37.13 -23.87 -12.30
C ALA A 297 -36.81 -22.62 -13.13
N ILE A 298 -35.74 -22.71 -13.91
CA ILE A 298 -35.31 -21.61 -14.76
C ILE A 298 -36.04 -21.63 -16.10
N LYS A 299 -37.22 -21.03 -16.13
CA LYS A 299 -38.03 -20.98 -17.33
C LYS A 299 -38.81 -19.67 -17.39
N ARG A 300 -39.80 -19.59 -18.28
CA ARG A 300 -40.59 -18.38 -18.40
C ARG A 300 -41.10 -18.02 -17.00
N ASN A 301 -40.91 -16.75 -16.64
CA ASN A 301 -41.28 -16.17 -15.35
C ASN A 301 -40.13 -16.14 -14.35
N ALA A 302 -39.16 -17.04 -14.51
CA ALA A 302 -38.01 -17.04 -13.64
C ALA A 302 -37.20 -15.83 -14.08
N LEU A 303 -36.43 -15.25 -13.16
CA LEU A 303 -35.65 -14.08 -13.50
C LEU A 303 -34.15 -14.28 -13.27
N LEU A 304 -33.42 -14.44 -14.36
CA LEU A 304 -31.97 -14.61 -14.32
C LEU A 304 -31.35 -13.25 -14.08
N GLU A 305 -30.41 -13.19 -13.15
CA GLU A 305 -29.77 -11.93 -12.80
C GLU A 305 -28.27 -12.02 -13.03
N ASN A 306 -27.79 -11.22 -13.98
CA ASN A 306 -26.37 -11.13 -14.34
C ASN A 306 -25.73 -12.37 -14.97
N VAL A 307 -26.54 -13.30 -15.46
CA VAL A 307 -25.95 -14.47 -16.08
C VAL A 307 -25.54 -14.09 -17.49
N THR A 308 -24.34 -14.48 -17.90
CA THR A 308 -23.89 -14.15 -19.22
C THR A 308 -24.56 -15.03 -20.27
N VAL A 309 -25.02 -14.40 -21.35
CA VAL A 309 -25.68 -15.10 -22.43
C VAL A 309 -25.13 -14.56 -23.75
N ASP A 310 -25.05 -15.41 -24.77
CA ASP A 310 -24.55 -14.96 -26.06
C ASP A 310 -25.66 -14.32 -26.85
N ALA A 311 -25.36 -13.90 -28.07
CA ALA A 311 -26.33 -13.24 -28.93
C ALA A 311 -27.52 -14.15 -29.23
N ASN A 312 -27.30 -15.46 -29.23
CA ASN A 312 -28.38 -16.37 -29.53
C ASN A 312 -29.21 -16.80 -28.33
N GLY A 313 -28.77 -16.41 -27.14
CA GLY A 313 -29.52 -16.75 -25.95
C GLY A 313 -28.99 -17.93 -25.18
N LYS A 314 -27.84 -18.45 -25.57
CA LYS A 314 -27.24 -19.58 -24.88
C LYS A 314 -26.58 -19.12 -23.57
N VAL A 315 -27.19 -19.53 -22.47
CA VAL A 315 -26.72 -19.21 -21.14
C VAL A 315 -25.45 -19.96 -20.80
N ASP A 316 -24.49 -19.27 -20.19
CA ASP A 316 -23.23 -19.88 -19.77
C ASP A 316 -23.12 -19.67 -18.26
N PHE A 317 -23.79 -20.55 -17.51
CA PHE A 317 -23.82 -20.52 -16.06
C PHE A 317 -22.48 -20.57 -15.39
N ALA A 318 -21.43 -20.81 -16.16
CA ALA A 318 -20.09 -20.90 -15.60
C ALA A 318 -19.30 -19.61 -15.80
N ASP A 319 -19.69 -18.81 -16.77
CA ASP A 319 -18.96 -17.57 -17.00
C ASP A 319 -19.07 -16.64 -15.79
N LYS A 320 -17.97 -16.55 -15.02
CA LYS A 320 -17.92 -15.70 -13.84
C LYS A 320 -17.50 -14.30 -14.24
N SER A 321 -17.58 -14.03 -15.54
CA SER A 321 -17.21 -12.73 -16.09
C SER A 321 -17.70 -11.56 -15.25
N VAL A 322 -18.90 -11.06 -15.55
CA VAL A 322 -19.50 -9.95 -14.83
C VAL A 322 -19.50 -10.08 -13.31
N THR A 323 -19.87 -11.25 -12.82
CA THR A 323 -19.89 -11.53 -11.38
C THR A 323 -20.01 -13.02 -11.09
N GLU A 324 -19.67 -13.41 -9.88
CA GLU A 324 -19.77 -14.81 -9.48
C GLU A 324 -21.08 -14.98 -8.69
N ASN A 325 -21.69 -13.85 -8.33
CA ASN A 325 -22.95 -13.86 -7.59
C ASN A 325 -24.14 -13.84 -8.53
N THR A 326 -24.06 -14.58 -9.62
CA THR A 326 -25.17 -14.64 -10.57
C THR A 326 -26.33 -15.36 -9.88
N ARG A 327 -27.53 -14.81 -10.00
CA ARG A 327 -28.69 -15.41 -9.35
C ARG A 327 -29.84 -15.69 -10.30
N VAL A 328 -30.93 -16.14 -9.70
CA VAL A 328 -32.16 -16.42 -10.43
C VAL A 328 -33.26 -16.42 -9.38
N SER A 329 -34.36 -15.74 -9.68
CA SER A 329 -35.48 -15.72 -8.75
C SER A 329 -36.61 -16.42 -9.50
N TYR A 330 -37.48 -17.06 -8.75
CA TYR A 330 -38.61 -17.73 -9.35
C TYR A 330 -39.60 -18.11 -8.27
N PRO A 331 -40.88 -18.16 -8.64
CA PRO A 331 -41.94 -18.52 -7.71
C PRO A 331 -41.60 -19.87 -7.10
N ILE A 332 -41.98 -20.08 -5.84
CA ILE A 332 -41.67 -21.34 -5.17
C ILE A 332 -42.27 -22.53 -5.92
N PHE A 333 -43.46 -22.34 -6.50
CA PHE A 333 -44.11 -23.43 -7.20
C PHE A 333 -43.37 -23.93 -8.46
N HIS A 334 -42.22 -23.34 -8.76
CA HIS A 334 -41.42 -23.79 -9.89
C HIS A 334 -40.71 -25.06 -9.45
N ILE A 335 -40.72 -25.31 -8.15
CA ILE A 335 -40.10 -26.52 -7.59
C ILE A 335 -41.27 -27.44 -7.26
N LYS A 336 -41.17 -28.70 -7.63
CA LYS A 336 -42.24 -29.66 -7.38
C LYS A 336 -42.38 -30.07 -5.92
N ASN A 337 -41.33 -30.65 -5.37
CA ASN A 337 -41.33 -31.13 -3.98
C ASN A 337 -41.41 -30.04 -2.90
N ILE A 338 -42.57 -29.41 -2.79
CA ILE A 338 -42.77 -28.37 -1.78
C ILE A 338 -44.11 -28.55 -1.10
N VAL A 339 -44.22 -27.94 0.07
CA VAL A 339 -45.45 -28.00 0.84
C VAL A 339 -46.45 -27.07 0.13
N LYS A 340 -47.68 -27.58 -0.08
CA LYS A 340 -48.76 -26.87 -0.76
C LYS A 340 -50.06 -26.93 0.04
N PRO A 341 -50.98 -25.96 -0.15
CA PRO A 341 -50.89 -24.82 -1.07
C PRO A 341 -50.25 -23.57 -0.45
N VAL A 342 -49.83 -23.68 0.81
CA VAL A 342 -49.21 -22.55 1.51
C VAL A 342 -47.87 -23.01 2.08
N SER A 343 -46.86 -22.15 2.00
CA SER A 343 -45.55 -22.51 2.53
C SER A 343 -45.53 -22.37 4.04
N LYS A 344 -46.23 -23.26 4.72
CA LYS A 344 -46.28 -23.22 6.19
C LYS A 344 -46.33 -24.67 6.69
N ALA A 345 -45.88 -24.88 7.92
CA ALA A 345 -45.86 -26.22 8.49
C ALA A 345 -45.87 -26.18 10.02
N PRO A 346 -46.09 -27.33 10.66
CA PRO A 346 -46.12 -27.36 12.12
C PRO A 346 -44.76 -27.05 12.76
N ALA A 347 -44.78 -26.70 14.05
CA ALA A 347 -43.56 -26.38 14.79
C ALA A 347 -42.45 -27.36 14.44
N ALA A 348 -41.23 -26.86 14.35
CA ALA A 348 -40.10 -27.73 14.03
C ALA A 348 -39.79 -28.71 15.16
N LYS A 349 -39.43 -29.92 14.76
CA LYS A 349 -39.08 -30.99 15.69
C LYS A 349 -37.56 -31.10 15.83
N ARG A 350 -36.84 -30.94 14.73
CA ARG A 350 -35.39 -31.02 14.74
C ARG A 350 -34.78 -29.71 14.20
N VAL A 351 -33.83 -29.15 14.95
CA VAL A 351 -33.15 -27.93 14.56
C VAL A 351 -31.68 -28.28 14.34
N ILE A 352 -31.14 -28.00 13.16
CA ILE A 352 -29.76 -28.35 12.94
C ILE A 352 -28.86 -27.20 12.47
N PHE A 353 -27.72 -27.09 13.13
CA PHE A 353 -26.73 -26.07 12.80
C PHE A 353 -25.62 -26.73 12.02
N LEU A 354 -25.44 -26.31 10.77
CA LEU A 354 -24.39 -26.86 9.93
C LEU A 354 -23.15 -26.02 10.07
N SER A 355 -22.00 -26.69 10.01
CA SER A 355 -20.71 -26.03 10.09
C SER A 355 -19.72 -26.76 9.21
N ALA A 356 -19.01 -26.00 8.39
CA ALA A 356 -17.99 -26.55 7.52
C ALA A 356 -16.71 -26.23 8.29
N ASP A 357 -16.35 -27.12 9.21
CA ASP A 357 -15.16 -26.93 10.06
C ASP A 357 -13.87 -27.37 9.40
N ALA A 358 -13.19 -26.42 8.79
CA ALA A 358 -11.93 -26.67 8.10
C ALA A 358 -10.86 -27.12 9.09
N PHE A 359 -11.08 -26.79 10.36
CA PHE A 359 -10.15 -27.15 11.43
C PHE A 359 -10.21 -28.65 11.74
N GLY A 360 -11.25 -29.32 11.26
CA GLY A 360 -11.39 -30.75 11.52
C GLY A 360 -11.50 -31.09 13.00
N VAL A 361 -12.13 -30.20 13.78
CA VAL A 361 -12.28 -30.40 15.22
C VAL A 361 -13.67 -30.82 15.69
N LEU A 362 -14.70 -30.26 15.08
CA LEU A 362 -16.06 -30.60 15.48
C LEU A 362 -16.44 -31.98 14.97
N PRO A 363 -17.21 -32.73 15.76
CA PRO A 363 -17.65 -34.07 15.37
C PRO A 363 -18.74 -33.98 14.29
N PRO A 364 -18.96 -35.06 13.55
CA PRO A 364 -19.98 -35.10 12.48
C PRO A 364 -21.33 -34.56 12.93
N VAL A 365 -21.72 -34.87 14.16
CA VAL A 365 -22.98 -34.42 14.71
C VAL A 365 -22.93 -34.43 16.23
N SER A 366 -23.56 -33.45 16.87
CA SER A 366 -23.57 -33.36 18.33
C SER A 366 -24.95 -32.99 18.85
N ILE A 367 -25.43 -33.74 19.83
CA ILE A 367 -26.75 -33.47 20.43
C ILE A 367 -26.60 -32.24 21.32
N LEU A 368 -27.05 -31.08 20.82
CA LEU A 368 -26.93 -29.85 21.60
C LEU A 368 -27.90 -29.80 22.79
N SER A 369 -27.48 -29.08 23.83
CA SER A 369 -28.30 -28.89 25.01
C SER A 369 -29.00 -27.55 24.81
N LYS A 370 -29.86 -27.16 25.76
CA LYS A 370 -30.59 -25.90 25.66
C LYS A 370 -29.66 -24.71 25.65
N GLU A 371 -28.67 -24.73 26.54
CA GLU A 371 -27.71 -23.64 26.65
C GLU A 371 -26.73 -23.61 25.50
N GLN A 372 -26.26 -24.79 25.11
CA GLN A 372 -25.31 -24.88 24.01
C GLN A 372 -25.99 -24.43 22.71
N THR A 373 -27.28 -24.73 22.59
CA THR A 373 -28.05 -24.37 21.41
C THR A 373 -28.01 -22.86 21.21
N LYS A 374 -28.31 -22.12 22.26
CA LYS A 374 -28.30 -20.67 22.17
C LYS A 374 -26.89 -20.18 21.86
N TYR A 375 -25.89 -20.86 22.40
CA TYR A 375 -24.50 -20.47 22.20
C TYR A 375 -24.00 -20.59 20.76
N TYR A 376 -24.11 -21.77 20.18
CA TYR A 376 -23.64 -21.96 18.81
C TYR A 376 -24.53 -21.25 17.80
N PHE A 377 -25.74 -20.90 18.22
CA PHE A 377 -26.65 -20.17 17.35
C PHE A 377 -26.07 -18.76 17.26
N LEU A 378 -25.77 -18.19 18.42
CA LEU A 378 -25.19 -16.86 18.52
C LEU A 378 -23.81 -16.81 17.89
N SER A 379 -23.20 -17.98 17.74
CA SER A 379 -21.87 -18.12 17.15
C SER A 379 -21.91 -18.15 15.62
N GLY A 380 -22.79 -18.98 15.07
CA GLY A 380 -22.90 -19.10 13.62
C GLY A 380 -21.53 -19.34 13.02
N PHE A 381 -20.87 -20.38 13.50
CA PHE A 381 -19.54 -20.76 13.06
C PHE A 381 -19.47 -21.59 11.79
N THR A 382 -18.38 -21.41 11.07
CA THR A 382 -18.05 -22.15 9.86
C THR A 382 -16.59 -21.81 9.60
N ALA A 383 -15.99 -22.46 8.60
CA ALA A 383 -14.60 -22.20 8.28
C ALA A 383 -14.35 -22.22 6.78
N LYS A 384 -13.36 -21.44 6.35
CA LYS A 384 -13.00 -21.35 4.93
C LYS A 384 -11.82 -22.24 4.61
N PRO A 395 -6.61 -22.11 7.28
CA PRO A 395 -7.57 -22.43 8.34
C PRO A 395 -8.06 -21.16 9.03
N THR A 396 -9.04 -20.50 8.41
CA THR A 396 -9.61 -19.27 8.96
C THR A 396 -11.09 -19.43 9.29
N PRO A 397 -11.50 -19.04 10.49
CA PRO A 397 -12.90 -19.14 10.91
C PRO A 397 -13.68 -17.87 10.58
N THR A 398 -14.99 -18.01 10.49
CA THR A 398 -15.86 -16.86 10.23
C THR A 398 -17.10 -17.08 11.08
N PHE A 399 -17.43 -16.08 11.89
CA PHE A 399 -18.58 -16.14 12.77
C PHE A 399 -19.66 -15.17 12.34
N SER A 400 -20.89 -15.68 12.25
CA SER A 400 -22.00 -14.83 11.86
C SER A 400 -23.20 -15.15 12.73
N SER A 401 -23.29 -14.42 13.84
CA SER A 401 -24.37 -14.62 14.79
C SER A 401 -25.71 -14.96 14.14
N CYS A 402 -26.36 -15.99 14.65
CA CYS A 402 -27.66 -16.43 14.15
C CYS A 402 -27.64 -16.78 12.67
N PHE A 403 -26.44 -17.02 12.13
CA PHE A 403 -26.30 -17.37 10.72
C PHE A 403 -26.86 -16.28 9.78
N GLY A 404 -26.80 -15.03 10.22
CA GLY A 404 -27.30 -13.95 9.40
C GLY A 404 -27.14 -12.64 10.15
N ALA A 405 -25.95 -12.45 10.69
CA ALA A 405 -25.63 -11.25 11.48
C ALA A 405 -25.94 -9.93 10.77
N ALA A 406 -25.73 -9.89 9.45
CA ALA A 406 -25.98 -8.67 8.70
C ALA A 406 -27.47 -8.32 8.60
N PHE A 407 -28.36 -9.22 9.00
CA PHE A 407 -29.78 -8.91 8.89
C PHE A 407 -30.45 -8.66 10.25
N LEU A 408 -29.72 -8.97 11.32
CA LEU A 408 -30.19 -8.78 12.70
C LEU A 408 -30.42 -7.31 13.06
N THR A 409 -31.68 -6.91 13.15
CA THR A 409 -32.01 -5.53 13.50
C THR A 409 -32.18 -5.40 15.01
N LEU A 410 -32.18 -6.54 15.70
CA LEU A 410 -32.31 -6.56 17.15
C LEU A 410 -31.10 -7.31 17.71
N PRO A 411 -30.87 -7.19 19.03
CA PRO A 411 -29.72 -7.91 19.59
C PRO A 411 -29.82 -9.40 19.32
N PRO A 412 -28.71 -10.04 18.95
CA PRO A 412 -28.73 -11.48 18.66
C PRO A 412 -29.32 -12.38 19.75
N THR A 413 -29.09 -12.03 21.00
CA THR A 413 -29.60 -12.79 22.14
C THR A 413 -31.12 -12.88 22.12
N LYS A 414 -31.75 -11.95 21.42
CA LYS A 414 -33.20 -11.94 21.31
C LYS A 414 -33.68 -12.98 20.32
N TYR A 415 -32.86 -13.28 19.31
CA TYR A 415 -33.23 -14.28 18.31
C TYR A 415 -33.02 -15.67 18.90
N ALA A 416 -31.92 -15.85 19.62
CA ALA A 416 -31.62 -17.13 20.26
C ALA A 416 -32.70 -17.42 21.31
N GLU A 417 -33.14 -16.36 21.98
CA GLU A 417 -34.16 -16.46 23.01
C GLU A 417 -35.47 -17.02 22.47
N VAL A 418 -36.13 -16.26 21.59
CA VAL A 418 -37.40 -16.67 21.00
C VAL A 418 -37.28 -18.05 20.36
N LEU A 419 -36.16 -18.30 19.69
CA LEU A 419 -35.94 -19.59 19.04
C LEU A 419 -36.07 -20.77 20.01
N VAL A 420 -35.23 -20.76 21.04
CA VAL A 420 -35.23 -21.84 22.03
C VAL A 420 -36.61 -21.98 22.69
N LYS A 421 -37.27 -20.85 22.96
CA LYS A 421 -38.59 -20.86 23.55
C LYS A 421 -39.56 -21.70 22.70
N ARG A 422 -39.53 -21.50 21.38
CA ARG A 422 -40.39 -22.22 20.44
C ARG A 422 -39.99 -23.69 20.33
N MET A 423 -38.74 -23.99 20.70
CA MET A 423 -38.24 -25.34 20.63
C MET A 423 -38.75 -26.19 21.79
N GLU A 424 -38.85 -25.58 22.96
CA GLU A 424 -39.30 -26.26 24.16
C GLU A 424 -40.80 -26.55 24.12
N ALA A 425 -41.50 -25.86 23.22
CA ALA A 425 -42.93 -26.03 23.06
C ALA A 425 -43.28 -27.23 22.18
N SER A 426 -42.38 -27.59 21.27
CA SER A 426 -42.63 -28.72 20.39
C SER A 426 -41.64 -29.85 20.62
N GLY A 427 -40.87 -29.76 21.70
CA GLY A 427 -39.90 -30.78 21.97
C GLY A 427 -38.85 -30.83 20.88
N ALA A 428 -38.33 -29.66 20.51
CA ALA A 428 -37.33 -29.57 19.45
C ALA A 428 -35.93 -29.86 20.00
N LYS A 429 -35.08 -30.41 19.14
CA LYS A 429 -33.71 -30.72 19.52
C LYS A 429 -32.74 -30.17 18.48
N ALA A 430 -31.70 -29.52 18.97
CA ALA A 430 -30.69 -28.91 18.12
C ALA A 430 -29.48 -29.81 17.92
N TYR A 431 -28.89 -29.73 16.72
CA TYR A 431 -27.73 -30.52 16.40
C TYR A 431 -26.66 -29.72 15.67
N LEU A 432 -25.43 -29.80 16.14
CA LEU A 432 -24.33 -29.10 15.50
C LEU A 432 -23.69 -30.13 14.57
N VAL A 433 -23.96 -30.01 13.27
CA VAL A 433 -23.42 -30.95 12.32
C VAL A 433 -22.25 -30.40 11.54
N ASN A 434 -21.19 -31.19 11.47
CA ASN A 434 -19.99 -30.76 10.75
C ASN A 434 -19.90 -31.37 9.36
N THR A 435 -20.21 -30.55 8.35
CA THR A 435 -20.15 -31.00 6.98
C THR A 435 -18.80 -30.65 6.40
N GLY A 436 -17.88 -30.30 7.29
CA GLY A 436 -16.54 -29.92 6.88
C GLY A 436 -15.57 -31.07 6.78
N TRP A 437 -14.44 -30.94 7.46
CA TRP A 437 -13.39 -31.93 7.43
C TRP A 437 -13.14 -32.63 8.75
N ASN A 438 -12.22 -33.57 8.72
CA ASN A 438 -11.83 -34.34 9.89
C ASN A 438 -10.32 -34.26 10.04
N GLY A 439 -9.72 -35.35 10.51
CA GLY A 439 -8.28 -35.37 10.67
C GLY A 439 -7.62 -35.83 9.38
N THR A 440 -8.35 -36.60 8.59
CA THR A 440 -7.84 -37.13 7.32
C THR A 440 -7.42 -36.04 6.35
N GLY A 441 -7.99 -34.84 6.53
CA GLY A 441 -7.67 -33.74 5.64
C GLY A 441 -8.71 -33.63 4.54
N LYS A 442 -9.20 -34.78 4.10
CA LYS A 442 -10.24 -34.85 3.06
C LYS A 442 -11.57 -34.49 3.71
N ARG A 443 -12.43 -33.80 2.97
CA ARG A 443 -13.74 -33.41 3.50
C ARG A 443 -14.62 -34.60 3.84
N ILE A 444 -15.43 -34.48 4.89
CA ILE A 444 -16.32 -35.57 5.30
C ILE A 444 -17.17 -35.99 4.10
N SER A 445 -17.34 -37.30 3.92
CA SER A 445 -18.12 -37.81 2.80
C SER A 445 -19.56 -37.32 2.87
N ILE A 446 -20.11 -36.99 1.70
CA ILE A 446 -21.49 -36.52 1.61
C ILE A 446 -22.41 -37.67 1.98
N LYS A 447 -21.93 -38.89 1.77
CA LYS A 447 -22.72 -40.08 2.09
C LYS A 447 -22.86 -40.23 3.60
N ASP A 448 -21.83 -39.80 4.34
CA ASP A 448 -21.84 -39.87 5.81
C ASP A 448 -22.72 -38.78 6.42
N THR A 449 -22.47 -37.53 6.02
CA THR A 449 -23.23 -36.41 6.55
C THR A 449 -24.71 -36.55 6.24
N ARG A 450 -25.03 -36.88 4.98
CA ARG A 450 -26.43 -37.04 4.57
C ARG A 450 -27.07 -38.19 5.37
N GLY A 451 -26.27 -39.18 5.74
CA GLY A 451 -26.79 -40.29 6.52
C GLY A 451 -27.04 -39.82 7.93
N ILE A 452 -26.23 -38.85 8.37
CA ILE A 452 -26.35 -38.26 9.69
C ILE A 452 -27.63 -37.44 9.74
N ILE A 453 -27.93 -36.76 8.63
CA ILE A 453 -29.14 -35.95 8.55
C ILE A 453 -30.34 -36.87 8.67
N ASP A 454 -30.29 -38.01 7.99
CA ASP A 454 -31.36 -39.00 8.05
C ASP A 454 -31.57 -39.42 9.49
N ALA A 455 -30.47 -39.63 10.20
CA ALA A 455 -30.56 -40.05 11.59
C ALA A 455 -31.22 -38.96 12.43
N ILE A 456 -31.18 -37.73 11.96
CA ILE A 456 -31.79 -36.62 12.70
C ILE A 456 -33.30 -36.61 12.43
N LEU A 457 -33.67 -36.72 11.16
CA LEU A 457 -35.06 -36.71 10.74
C LEU A 457 -35.83 -37.94 11.22
N ASP A 458 -35.36 -39.12 10.83
CA ASP A 458 -36.02 -40.38 11.22
C ASP A 458 -36.02 -40.56 12.74
N GLY A 459 -35.28 -39.69 13.43
CA GLY A 459 -35.21 -39.77 14.89
C GLY A 459 -34.40 -40.92 15.44
N SER A 460 -33.75 -41.69 14.57
CA SER A 460 -32.95 -42.82 15.01
C SER A 460 -31.77 -42.39 15.89
N ILE A 461 -31.44 -41.10 15.84
CA ILE A 461 -30.33 -40.57 16.64
C ILE A 461 -30.73 -40.41 18.10
N ASP A 462 -31.99 -40.67 18.39
CA ASP A 462 -32.50 -40.53 19.75
C ASP A 462 -32.12 -41.72 20.63
N THR A 463 -31.95 -42.88 20.01
CA THR A 463 -31.61 -44.10 20.73
C THR A 463 -30.11 -44.41 20.74
N ALA A 464 -29.35 -43.75 19.88
CA ALA A 464 -27.91 -43.95 19.83
C ALA A 464 -27.28 -43.54 21.15
N ASN A 465 -26.31 -44.33 21.62
CA ASN A 465 -25.60 -44.06 22.88
C ASN A 465 -24.71 -42.84 22.67
N THR A 466 -24.16 -42.31 23.76
CA THR A 466 -23.32 -41.13 23.67
C THR A 466 -21.89 -41.39 24.14
N ALA A 467 -21.17 -40.33 24.47
CA ALA A 467 -19.80 -40.49 24.96
C ALA A 467 -19.26 -39.23 25.62
N THR A 468 -19.40 -38.09 24.94
CA THR A 468 -18.94 -36.78 25.40
C THR A 468 -17.54 -36.47 24.88
N ILE A 469 -17.30 -35.20 24.58
CA ILE A 469 -16.01 -34.76 24.08
C ILE A 469 -15.47 -33.57 24.86
N PRO A 470 -14.24 -33.69 25.39
CA PRO A 470 -13.58 -32.64 26.18
C PRO A 470 -13.55 -31.26 25.51
N TYR A 471 -13.32 -30.24 26.33
CA TYR A 471 -13.23 -28.85 25.87
C TYR A 471 -14.59 -28.30 25.43
N PHE A 472 -15.06 -28.75 24.28
CA PHE A 472 -16.36 -28.32 23.76
C PHE A 472 -17.50 -28.95 24.53
N ASN A 473 -17.23 -30.07 25.19
CA ASN A 473 -18.24 -30.76 25.98
C ASN A 473 -19.44 -31.12 25.12
N PHE A 474 -19.18 -31.85 24.04
CA PHE A 474 -20.21 -32.28 23.12
C PHE A 474 -20.75 -33.65 23.46
N THR A 475 -21.89 -33.98 22.87
CA THR A 475 -22.52 -35.27 23.07
C THR A 475 -22.73 -35.89 21.69
N VAL A 476 -21.97 -36.93 21.38
CA VAL A 476 -22.10 -37.58 20.09
C VAL A 476 -22.61 -39.00 20.21
N PRO A 477 -23.30 -39.49 19.15
CA PRO A 477 -23.84 -40.84 19.13
C PRO A 477 -22.72 -41.84 18.77
N THR A 478 -22.49 -42.81 19.65
CA THR A 478 -21.46 -43.81 19.42
C THR A 478 -21.78 -44.63 18.17
N GLU A 479 -23.06 -44.72 17.83
CA GLU A 479 -23.51 -45.48 16.66
C GLU A 479 -24.60 -44.74 15.88
N LEU A 480 -24.51 -44.77 14.55
CA LEU A 480 -25.49 -44.13 13.68
C LEU A 480 -25.70 -44.94 12.41
N LYS A 481 -26.96 -45.30 12.14
CA LYS A 481 -27.29 -46.08 10.95
C LYS A 481 -26.97 -45.28 9.69
N GLY A 482 -26.17 -45.87 8.81
CA GLY A 482 -25.81 -45.20 7.57
C GLY A 482 -24.61 -44.27 7.73
N VAL A 483 -23.86 -44.46 8.80
CA VAL A 483 -22.69 -43.62 9.06
C VAL A 483 -21.50 -44.45 9.59
N ASP A 484 -20.31 -44.21 9.03
CA ASP A 484 -19.12 -44.93 9.47
C ASP A 484 -18.89 -44.60 10.95
N THR A 485 -18.93 -45.62 11.79
CA THR A 485 -18.74 -45.44 13.22
C THR A 485 -17.40 -44.77 13.53
N LYS A 486 -16.44 -44.92 12.62
CA LYS A 486 -15.13 -44.31 12.83
C LYS A 486 -15.19 -42.79 12.85
N ILE A 487 -15.95 -42.21 11.92
CA ILE A 487 -16.06 -40.76 11.81
C ILE A 487 -16.79 -40.07 12.97
N LEU A 488 -17.71 -40.77 13.62
CA LEU A 488 -18.48 -40.20 14.74
C LEU A 488 -17.66 -39.41 15.75
N ASP A 489 -16.41 -39.79 15.95
CA ASP A 489 -15.57 -39.09 16.90
C ASP A 489 -14.44 -38.39 16.15
N PRO A 490 -14.30 -37.07 16.38
CA PRO A 490 -13.25 -36.29 15.71
C PRO A 490 -11.81 -36.76 15.96
N ARG A 491 -11.57 -37.40 17.11
CA ARG A 491 -10.23 -37.89 17.43
C ARG A 491 -9.81 -39.05 16.53
N ASN A 492 -10.69 -40.03 16.36
CA ASN A 492 -10.41 -41.21 15.55
C ASN A 492 -9.78 -40.95 14.18
N THR A 493 -10.03 -39.78 13.61
CA THR A 493 -9.48 -39.45 12.30
C THR A 493 -8.09 -38.80 12.36
N TYR A 494 -7.54 -38.71 13.56
CA TYR A 494 -6.21 -38.12 13.79
C TYR A 494 -5.20 -39.17 14.24
N ALA A 495 -3.94 -38.97 13.83
CA ALA A 495 -2.87 -39.91 14.21
C ALA A 495 -2.85 -40.02 15.74
N ASP A 496 -2.53 -38.92 16.40
CA ASP A 496 -2.49 -38.89 17.85
C ASP A 496 -3.59 -37.95 18.37
N ALA A 497 -4.25 -38.35 19.44
CA ALA A 497 -5.32 -37.54 20.02
C ALA A 497 -4.78 -36.18 20.46
N SER A 498 -3.45 -36.09 20.58
CA SER A 498 -2.80 -34.85 20.99
C SER A 498 -3.01 -33.78 19.93
N GLU A 499 -2.82 -34.16 18.67
CA GLU A 499 -2.98 -33.23 17.55
C GLU A 499 -4.38 -32.63 17.56
N TRP A 500 -5.38 -33.48 17.75
CA TRP A 500 -6.77 -33.04 17.78
C TRP A 500 -6.95 -32.01 18.89
N GLU A 501 -6.39 -32.31 20.06
CA GLU A 501 -6.48 -31.42 21.21
C GLU A 501 -5.85 -30.06 20.91
N VAL A 502 -4.74 -30.07 20.18
CA VAL A 502 -4.08 -28.82 19.85
C VAL A 502 -5.02 -27.90 19.08
N LYS A 503 -5.56 -28.41 17.98
CA LYS A 503 -6.49 -27.64 17.15
C LYS A 503 -7.76 -27.34 17.93
N ALA A 504 -8.24 -28.34 18.66
CA ALA A 504 -9.45 -28.19 19.46
C ALA A 504 -9.28 -27.05 20.47
N LYS A 505 -8.17 -27.05 21.18
CA LYS A 505 -7.89 -26.03 22.17
C LYS A 505 -7.83 -24.65 21.50
N ASP A 506 -7.32 -24.61 20.26
CA ASP A 506 -7.21 -23.38 19.50
C ASP A 506 -8.59 -22.89 19.04
N LEU A 507 -9.33 -23.76 18.36
CA LEU A 507 -10.66 -23.41 17.87
C LEU A 507 -11.55 -22.97 19.02
N ALA A 508 -11.55 -23.75 20.10
CA ALA A 508 -12.33 -23.43 21.27
C ALA A 508 -11.97 -22.03 21.75
N GLU A 509 -10.69 -21.70 21.63
CA GLU A 509 -10.22 -20.40 22.06
C GLU A 509 -10.79 -19.30 21.17
N ARG A 510 -10.94 -19.59 19.88
CA ARG A 510 -11.49 -18.61 18.95
C ARG A 510 -12.97 -18.33 19.23
N PHE A 511 -13.68 -19.34 19.76
CA PHE A 511 -15.09 -19.17 20.12
C PHE A 511 -15.24 -18.21 21.29
N GLN A 512 -14.39 -18.39 22.30
CA GLN A 512 -14.44 -17.53 23.48
C GLN A 512 -14.14 -16.09 23.13
N LYS A 513 -13.17 -15.87 22.24
CA LYS A 513 -12.80 -14.51 21.86
C LYS A 513 -13.97 -13.83 21.13
N ASN A 514 -14.53 -14.51 20.13
CA ASN A 514 -15.65 -13.98 19.35
C ASN A 514 -16.91 -13.78 20.22
N PHE A 515 -17.14 -14.69 21.16
CA PHE A 515 -18.32 -14.57 22.01
C PHE A 515 -18.17 -13.47 23.06
N LYS A 516 -16.97 -12.90 23.13
CA LYS A 516 -16.69 -11.83 24.09
C LYS A 516 -17.62 -10.63 23.95
N LYS A 517 -17.84 -10.19 22.71
CA LYS A 517 -18.71 -9.05 22.43
C LYS A 517 -20.17 -9.32 22.80
N PHE A 518 -20.51 -10.59 22.99
CA PHE A 518 -21.87 -10.93 23.36
C PHE A 518 -22.05 -10.85 24.87
N SER B 2 29.36 -12.54 14.96
CA SER B 2 29.76 -12.83 13.58
C SER B 2 30.68 -11.74 13.07
N LEU B 3 30.77 -10.65 13.83
CA LEU B 3 31.62 -9.53 13.44
C LEU B 3 33.07 -10.00 13.30
N SER B 4 33.51 -10.85 14.23
CA SER B 4 34.87 -11.38 14.19
C SER B 4 35.02 -12.39 13.06
N GLU B 5 33.92 -13.02 12.67
CA GLU B 5 33.97 -14.00 11.60
C GLU B 5 34.16 -13.26 10.28
N SER B 6 33.43 -12.17 10.10
CA SER B 6 33.53 -11.37 8.89
C SER B 6 34.93 -10.77 8.77
N LEU B 7 35.46 -10.26 9.88
CA LEU B 7 36.79 -9.65 9.88
C LEU B 7 37.79 -10.67 9.37
N ALA B 8 37.61 -11.92 9.77
CA ALA B 8 38.49 -12.99 9.34
C ALA B 8 38.39 -13.10 7.82
N LYS B 9 37.22 -12.79 7.26
CA LYS B 9 37.04 -12.86 5.82
C LYS B 9 37.75 -11.70 5.13
N TYR B 10 37.91 -10.59 5.84
CA TYR B 10 38.60 -9.42 5.28
C TYR B 10 40.10 -9.59 5.47
N GLY B 11 40.50 -10.74 6.02
CA GLY B 11 41.90 -11.01 6.26
C GLY B 11 42.36 -10.51 7.61
N ILE B 12 41.41 -10.25 8.50
CA ILE B 12 41.71 -9.75 9.83
C ILE B 12 41.39 -10.81 10.89
N THR B 13 42.37 -11.14 11.71
CA THR B 13 42.15 -12.12 12.76
C THR B 13 42.92 -11.73 14.00
N GLY B 14 42.36 -12.05 15.17
CA GLY B 14 43.02 -11.73 16.42
C GLY B 14 42.50 -10.46 17.06
N ALA B 15 41.35 -9.99 16.59
CA ALA B 15 40.77 -8.76 17.13
C ALA B 15 40.70 -8.82 18.66
N THR B 16 41.51 -8.01 19.32
CA THR B 16 41.52 -7.98 20.79
C THR B 16 40.26 -7.33 21.34
N ASN B 17 39.80 -6.28 20.65
CA ASN B 17 38.60 -5.57 21.08
C ASN B 17 37.96 -4.94 19.86
N ILE B 18 36.64 -4.82 19.86
CA ILE B 18 35.93 -4.25 18.73
C ILE B 18 34.85 -3.28 19.18
N VAL B 19 35.03 -2.00 18.84
CA VAL B 19 34.06 -0.96 19.16
C VAL B 19 33.19 -0.85 17.90
N HIS B 20 31.91 -1.17 18.03
CA HIS B 20 30.98 -1.15 16.89
C HIS B 20 30.09 0.08 16.91
N ASN B 21 30.13 0.85 15.82
CA ASN B 21 29.34 2.07 15.70
C ASN B 21 29.28 2.87 16.98
N PRO B 22 30.44 3.35 17.45
CA PRO B 22 30.48 4.14 18.68
C PRO B 22 29.78 5.47 18.52
N SER B 23 29.21 5.94 19.61
CA SER B 23 28.51 7.22 19.63
C SER B 23 29.56 8.30 19.55
N HIS B 24 29.11 9.53 19.34
CA HIS B 24 30.03 10.65 19.27
C HIS B 24 30.83 10.79 20.56
N GLU B 25 30.12 10.94 21.68
CA GLU B 25 30.75 11.10 22.99
C GLU B 25 31.81 10.02 23.25
N GLU B 26 31.57 8.83 22.73
CA GLU B 26 32.48 7.72 22.90
C GLU B 26 33.72 7.94 22.02
N LEU B 27 33.50 8.47 20.82
CA LEU B 27 34.61 8.72 19.89
C LEU B 27 35.49 9.85 20.41
N PHE B 28 34.86 10.81 21.07
CA PHE B 28 35.60 11.94 21.65
C PHE B 28 36.65 11.47 22.65
N ALA B 29 36.21 10.72 23.65
CA ALA B 29 37.10 10.20 24.68
C ALA B 29 38.21 9.36 24.08
N ALA B 30 37.84 8.49 23.14
CA ALA B 30 38.79 7.60 22.50
C ALA B 30 39.87 8.34 21.70
N GLU B 31 39.46 9.36 20.94
CA GLU B 31 40.39 10.10 20.10
C GLU B 31 41.24 11.11 20.88
N THR B 32 40.76 11.52 22.04
CA THR B 32 41.48 12.49 22.86
C THR B 32 42.24 11.83 24.00
N GLN B 33 42.56 10.55 23.84
CA GLN B 33 43.30 9.80 24.85
C GLN B 33 44.75 10.24 24.83
N ALA B 34 45.23 10.81 25.95
CA ALA B 34 46.61 11.28 26.02
C ALA B 34 47.58 10.16 25.69
N SER B 35 47.16 8.91 25.88
CA SER B 35 48.03 7.79 25.60
C SER B 35 48.27 7.67 24.10
N LEU B 36 47.31 8.13 23.28
CA LEU B 36 47.46 8.06 21.84
C LEU B 36 48.72 8.77 21.39
N GLU B 37 49.33 8.24 20.33
CA GLU B 37 50.55 8.79 19.79
C GLU B 37 50.52 8.90 18.27
N GLY B 38 51.40 9.76 17.75
CA GLY B 38 51.49 9.96 16.32
C GLY B 38 50.32 10.72 15.77
N PHE B 39 49.84 10.29 14.61
CA PHE B 39 48.72 10.93 13.95
C PHE B 39 47.36 10.55 14.54
N GLU B 40 47.37 9.62 15.50
CA GLU B 40 46.13 9.19 16.14
C GLU B 40 45.72 10.22 17.18
N LYS B 41 46.66 11.10 17.51
CA LYS B 41 46.43 12.13 18.51
C LYS B 41 45.46 13.21 18.08
N GLY B 42 44.42 13.42 18.88
CA GLY B 42 43.45 14.45 18.58
C GLY B 42 43.53 15.46 19.71
N THR B 43 43.53 16.74 19.38
CA THR B 43 43.61 17.77 20.41
C THR B 43 42.35 18.61 20.40
N VAL B 44 41.73 18.75 21.57
CA VAL B 44 40.52 19.55 21.70
C VAL B 44 40.90 20.99 21.41
N THR B 45 39.97 21.75 20.83
CA THR B 45 40.24 23.14 20.52
C THR B 45 39.30 24.03 21.28
N GLU B 46 39.55 25.33 21.20
CA GLU B 46 38.75 26.33 21.89
C GLU B 46 37.31 26.31 21.38
N MET B 47 37.08 25.70 20.23
CA MET B 47 35.73 25.65 19.65
C MET B 47 34.95 24.41 20.10
N GLY B 48 35.66 23.50 20.75
CA GLY B 48 35.02 22.29 21.23
C GLY B 48 35.27 21.13 20.31
N ALA B 49 35.54 21.42 19.04
CA ALA B 49 35.79 20.36 18.10
C ALA B 49 37.21 19.86 18.27
N VAL B 50 37.41 18.59 17.93
CA VAL B 50 38.73 17.99 18.04
C VAL B 50 39.42 18.13 16.69
N ASN B 51 40.74 18.36 16.73
CA ASN B 51 41.52 18.52 15.51
C ASN B 51 42.59 17.45 15.41
N VAL B 52 42.81 16.93 14.21
CA VAL B 52 43.80 15.89 14.00
C VAL B 52 44.71 16.23 12.81
N MET B 53 45.86 15.59 12.74
CA MET B 53 46.80 15.83 11.65
C MET B 53 46.88 14.56 10.83
N THR B 54 46.97 14.71 9.52
CA THR B 54 47.05 13.52 8.68
C THR B 54 48.45 13.26 8.19
N GLY B 55 49.40 14.04 8.68
CA GLY B 55 50.77 13.83 8.28
C GLY B 55 51.13 14.23 6.86
N VAL B 56 51.81 13.34 6.16
CA VAL B 56 52.25 13.61 4.81
C VAL B 56 51.13 14.12 3.92
N TYR B 57 50.22 13.24 3.53
CA TYR B 57 49.12 13.63 2.65
C TYR B 57 48.04 14.46 3.31
N THR B 58 47.78 15.64 2.76
CA THR B 58 46.76 16.53 3.27
C THR B 58 45.67 16.69 2.22
N GLY B 59 45.62 15.74 1.28
CA GLY B 59 44.63 15.76 0.23
C GLY B 59 44.74 14.46 -0.55
N ARG B 60 43.86 14.24 -1.52
CA ARG B 60 43.89 12.99 -2.27
C ARG B 60 45.17 12.76 -3.06
N SER B 61 45.45 11.50 -3.32
CA SER B 61 46.63 11.12 -4.08
C SER B 61 46.20 10.21 -5.22
N PRO B 62 45.47 10.76 -6.19
CA PRO B 62 45.01 9.99 -7.34
C PRO B 62 46.06 9.09 -7.98
N LYS B 63 47.31 9.52 -7.98
CA LYS B 63 48.35 8.70 -8.58
C LYS B 63 48.49 7.31 -7.91
N ASP B 64 48.01 7.17 -6.67
CA ASP B 64 48.11 5.90 -5.94
C ASP B 64 46.80 5.12 -5.91
N LYS B 65 45.80 5.64 -6.61
CA LYS B 65 44.48 5.04 -6.70
C LYS B 65 44.45 4.01 -7.83
N PHE B 66 44.18 2.76 -7.48
CA PHE B 66 44.12 1.67 -8.47
C PHE B 66 42.88 0.82 -8.24
N ILE B 67 42.46 0.12 -9.29
CA ILE B 67 41.27 -0.75 -9.22
C ILE B 67 41.65 -2.10 -9.81
N VAL B 68 41.51 -3.16 -9.03
CA VAL B 68 41.87 -4.49 -9.52
C VAL B 68 41.15 -4.85 -10.80
N LYS B 69 41.90 -5.44 -11.72
CA LYS B 69 41.36 -5.84 -13.01
C LYS B 69 40.86 -7.26 -12.95
N ASN B 70 39.55 -7.43 -13.14
CA ASN B 70 38.92 -8.75 -13.13
C ASN B 70 37.55 -8.62 -13.77
N GLU B 71 36.90 -9.75 -14.03
CA GLU B 71 35.59 -9.73 -14.67
C GLU B 71 34.64 -8.79 -13.91
N ALA B 72 34.82 -8.68 -12.60
CA ALA B 72 33.96 -7.81 -11.82
C ALA B 72 34.09 -6.32 -12.19
N SER B 73 35.24 -5.92 -12.71
CA SER B 73 35.43 -4.52 -13.09
C SER B 73 35.49 -4.30 -14.59
N LYS B 74 34.89 -5.20 -15.36
CA LYS B 74 34.92 -5.08 -16.81
C LYS B 74 34.23 -3.80 -17.31
N GLU B 75 33.34 -3.24 -16.49
CA GLU B 75 32.62 -2.02 -16.87
C GLU B 75 33.39 -0.76 -16.49
N ILE B 76 34.47 -0.91 -15.72
CA ILE B 76 35.28 0.22 -15.32
C ILE B 76 35.84 0.97 -16.52
N TRP B 77 35.72 2.30 -16.50
CA TRP B 77 36.22 3.13 -17.60
C TRP B 77 37.72 3.29 -17.41
N TRP B 78 38.45 2.23 -17.76
CA TRP B 78 39.90 2.19 -17.64
C TRP B 78 40.58 3.31 -18.39
N THR B 79 41.67 3.79 -17.82
CA THR B 79 42.47 4.83 -18.42
C THR B 79 43.10 4.30 -19.70
N SER B 80 43.39 5.21 -20.62
CA SER B 80 44.02 4.88 -21.90
C SER B 80 44.76 6.12 -22.40
N ASP B 81 45.61 5.95 -23.41
CA ASP B 81 46.36 7.07 -23.96
C ASP B 81 45.42 8.06 -24.65
N GLU B 82 44.31 7.55 -25.19
CA GLU B 82 43.35 8.42 -25.87
C GLU B 82 42.58 9.25 -24.85
N PHE B 83 42.46 8.74 -23.62
CA PHE B 83 41.75 9.46 -22.55
C PHE B 83 42.26 9.02 -21.18
N LYS B 84 43.07 9.84 -20.55
CA LYS B 84 43.61 9.50 -19.23
C LYS B 84 42.66 9.83 -18.08
N ASN B 85 42.63 8.95 -17.09
CA ASN B 85 41.79 9.13 -15.91
C ASN B 85 42.45 8.43 -14.73
N ASP B 86 41.86 8.51 -13.56
CA ASP B 86 42.48 7.87 -12.40
C ASP B 86 42.25 6.36 -12.29
N ASN B 87 41.40 5.81 -13.14
CA ASN B 87 41.14 4.37 -13.08
C ASN B 87 42.31 3.58 -13.66
N LYS B 88 43.27 3.24 -12.80
CA LYS B 88 44.45 2.47 -13.22
C LYS B 88 44.28 1.02 -12.79
N PRO B 89 44.67 0.07 -13.66
CA PRO B 89 44.54 -1.35 -13.36
C PRO B 89 45.65 -1.96 -12.50
N VAL B 90 45.31 -3.03 -11.79
CA VAL B 90 46.26 -3.76 -10.97
C VAL B 90 45.90 -5.23 -11.05
N THR B 91 46.88 -6.07 -10.79
CA THR B 91 46.68 -7.51 -10.83
C THR B 91 46.02 -8.01 -9.54
N GLU B 92 45.55 -9.25 -9.59
CA GLU B 92 44.93 -9.88 -8.42
C GLU B 92 46.08 -10.25 -7.47
N GLU B 93 47.23 -10.62 -8.05
CA GLU B 93 48.39 -10.99 -7.26
C GLU B 93 48.77 -9.81 -6.36
N ALA B 94 48.80 -8.62 -6.97
CA ALA B 94 49.12 -7.42 -6.22
C ALA B 94 48.02 -7.21 -5.17
N TRP B 95 46.76 -7.41 -5.56
CA TRP B 95 45.68 -7.24 -4.61
C TRP B 95 45.81 -8.20 -3.42
N ALA B 96 46.14 -9.46 -3.72
CA ALA B 96 46.30 -10.46 -2.65
C ALA B 96 47.26 -9.95 -1.59
N GLN B 97 48.41 -9.48 -2.06
CA GLN B 97 49.43 -8.96 -1.15
C GLN B 97 49.01 -7.68 -0.46
N LEU B 98 48.36 -6.79 -1.20
CA LEU B 98 47.91 -5.52 -0.62
C LEU B 98 46.93 -5.76 0.52
N LYS B 99 46.11 -6.80 0.38
CA LYS B 99 45.12 -7.14 1.39
C LYS B 99 45.77 -7.73 2.63
N ALA B 100 46.59 -8.75 2.44
CA ALA B 100 47.29 -9.38 3.56
C ALA B 100 48.02 -8.32 4.37
N LEU B 101 48.53 -7.29 3.69
CA LEU B 101 49.26 -6.22 4.37
C LEU B 101 48.35 -5.51 5.37
N ALA B 102 47.30 -4.87 4.86
CA ALA B 102 46.36 -4.15 5.70
C ALA B 102 45.68 -5.15 6.63
N GLY B 103 45.39 -6.33 6.12
CA GLY B 103 44.75 -7.36 6.92
C GLY B 103 45.64 -7.79 8.06
N LYS B 104 46.94 -7.54 7.93
CA LYS B 104 47.88 -7.89 8.98
C LYS B 104 48.04 -6.68 9.89
N GLU B 105 48.09 -5.50 9.27
CA GLU B 105 48.22 -4.26 10.03
C GLU B 105 47.04 -4.08 10.98
N LEU B 106 45.91 -4.67 10.64
CA LEU B 106 44.72 -4.53 11.46
C LEU B 106 44.45 -5.75 12.35
N SER B 107 45.28 -6.78 12.25
CA SER B 107 45.10 -7.98 13.04
C SER B 107 45.77 -7.90 14.41
N ASN B 108 45.20 -8.64 15.36
CA ASN B 108 45.71 -8.69 16.71
C ASN B 108 45.83 -7.32 17.35
N LYS B 109 44.70 -6.62 17.48
CA LYS B 109 44.67 -5.29 18.11
C LYS B 109 43.24 -4.75 18.18
N PRO B 110 43.02 -3.71 19.00
CA PRO B 110 41.68 -3.14 19.13
C PRO B 110 41.28 -2.42 17.84
N LEU B 111 40.13 -2.81 17.30
CA LEU B 111 39.63 -2.24 16.07
C LEU B 111 38.31 -1.52 16.20
N TYR B 112 38.09 -0.54 15.32
CA TYR B 112 36.83 0.16 15.33
C TYR B 112 36.11 -0.33 14.08
N VAL B 113 34.86 -0.75 14.24
CA VAL B 113 34.08 -1.19 13.10
C VAL B 113 32.89 -0.24 13.03
N VAL B 114 32.57 0.24 11.83
CA VAL B 114 31.46 1.16 11.68
C VAL B 114 30.60 0.79 10.49
N ASP B 115 29.37 0.33 10.75
CA ASP B 115 28.46 -0.02 9.67
C ASP B 115 27.60 1.19 9.36
N LEU B 116 27.66 1.63 8.11
CA LEU B 116 26.94 2.82 7.70
C LEU B 116 26.29 2.67 6.35
N PHE B 117 25.47 3.67 6.03
CA PHE B 117 24.77 3.73 4.76
C PHE B 117 25.37 4.84 3.90
N CYS B 118 25.39 4.65 2.59
CA CYS B 118 25.85 5.68 1.67
C CYS B 118 24.65 5.81 0.75
N GLY B 119 23.94 6.91 0.93
CA GLY B 119 22.73 7.16 0.16
C GLY B 119 21.55 7.17 1.12
N ALA B 120 20.89 8.33 1.20
CA ALA B 120 19.73 8.55 2.08
C ALA B 120 18.46 7.80 1.69
N ASN B 121 18.33 7.39 0.43
CA ASN B 121 17.15 6.66 0.01
C ASN B 121 17.34 5.19 0.37
N GLU B 122 16.51 4.67 1.27
CA GLU B 122 16.62 3.28 1.70
C GLU B 122 16.52 2.26 0.57
N ASN B 123 15.76 2.58 -0.46
CA ASN B 123 15.59 1.65 -1.58
C ASN B 123 16.78 1.60 -2.54
N THR B 124 17.75 2.50 -2.41
CA THR B 124 18.89 2.48 -3.32
C THR B 124 20.25 2.69 -2.67
N ARG B 125 20.30 2.67 -1.34
CA ARG B 125 21.54 2.89 -0.64
C ARG B 125 22.46 1.69 -0.66
N LEU B 126 23.71 1.92 -0.31
CA LEU B 126 24.66 0.84 -0.24
C LEU B 126 25.02 0.72 1.23
N LYS B 127 25.24 -0.50 1.69
CA LYS B 127 25.61 -0.65 3.08
C LYS B 127 27.13 -0.73 3.03
N ILE B 128 27.78 0.04 3.89
CA ILE B 128 29.24 0.06 3.94
C ILE B 128 29.77 -0.21 5.35
N ARG B 129 30.83 -1.00 5.41
CA ARG B 129 31.49 -1.31 6.65
C ARG B 129 32.92 -0.79 6.59
N PHE B 130 33.25 0.07 7.54
CA PHE B 130 34.59 0.65 7.64
C PHE B 130 35.33 -0.08 8.75
N VAL B 131 36.55 -0.52 8.45
CA VAL B 131 37.38 -1.20 9.44
C VAL B 131 38.64 -0.38 9.62
N MET B 132 38.86 0.12 10.84
CA MET B 132 40.05 0.92 11.10
C MET B 132 40.52 0.76 12.54
N GLU B 133 41.70 1.31 12.82
CA GLU B 133 42.27 1.22 14.15
C GLU B 133 42.51 2.58 14.77
N VAL B 134 41.97 3.62 14.15
CA VAL B 134 42.16 4.94 14.68
C VAL B 134 40.80 5.55 14.98
N ALA B 135 40.59 5.93 16.24
CA ALA B 135 39.32 6.50 16.63
C ALA B 135 38.86 7.60 15.71
N TRP B 136 39.69 8.62 15.51
CA TRP B 136 39.22 9.71 14.67
C TRP B 136 38.83 9.27 13.26
N GLN B 137 39.44 8.20 12.77
CA GLN B 137 39.09 7.70 11.46
C GLN B 137 37.66 7.16 11.55
N ALA B 138 37.35 6.41 12.61
CA ALA B 138 35.98 5.90 12.74
C ALA B 138 35.06 7.11 12.90
N HIS B 139 35.57 8.14 13.55
CA HIS B 139 34.81 9.36 13.76
C HIS B 139 34.46 10.03 12.43
N PHE B 140 35.44 10.12 11.54
CA PHE B 140 35.25 10.74 10.22
C PHE B 140 34.12 10.12 9.42
N VAL B 141 34.10 8.79 9.34
CA VAL B 141 33.07 8.12 8.58
C VAL B 141 31.71 8.23 9.28
N THR B 142 31.72 8.25 10.61
CA THR B 142 30.49 8.40 11.37
C THR B 142 29.86 9.77 11.04
N ASN B 143 30.70 10.75 10.76
CA ASN B 143 30.26 12.10 10.41
C ASN B 143 29.80 12.20 8.94
N MET B 144 30.60 11.62 8.05
CA MET B 144 30.37 11.71 6.63
C MET B 144 29.32 10.83 5.98
N PHE B 145 28.95 9.75 6.64
CA PHE B 145 27.95 8.81 6.12
C PHE B 145 26.70 8.72 6.97
N ILE B 146 25.64 8.16 6.38
CA ILE B 146 24.36 8.00 7.06
C ILE B 146 24.47 7.02 8.23
N ARG B 147 24.18 7.52 9.42
CA ARG B 147 24.24 6.72 10.64
C ARG B 147 22.94 5.93 10.84
N PRO B 148 22.99 4.61 10.59
CA PRO B 148 21.82 3.74 10.73
C PRO B 148 21.35 3.60 12.18
N THR B 149 20.09 3.25 12.36
CA THR B 149 19.53 3.05 13.69
C THR B 149 19.96 1.72 14.25
N GLU B 150 19.58 1.44 15.49
CA GLU B 150 19.95 0.19 16.12
C GLU B 150 19.29 -1.01 15.43
N GLU B 151 18.07 -0.83 14.94
CA GLU B 151 17.35 -1.90 14.26
C GLU B 151 17.99 -2.20 12.91
N GLU B 152 18.43 -1.16 12.20
CA GLU B 152 19.06 -1.33 10.90
C GLU B 152 20.44 -1.98 11.04
N LEU B 153 21.04 -1.84 12.21
CA LEU B 153 22.34 -2.43 12.48
C LEU B 153 22.19 -3.91 12.79
N LYS B 154 20.96 -4.34 13.08
CA LYS B 154 20.70 -5.74 13.40
C LYS B 154 20.84 -6.58 12.13
N GLY B 155 21.88 -7.40 12.08
CA GLY B 155 22.11 -8.23 10.90
C GLY B 155 22.57 -7.39 9.72
N PHE B 156 23.45 -6.43 9.97
CA PHE B 156 23.96 -5.55 8.91
C PHE B 156 24.96 -6.31 8.03
N GLU B 157 24.60 -6.51 6.76
CA GLU B 157 25.47 -7.21 5.79
C GLU B 157 26.02 -6.15 4.84
N PRO B 158 27.31 -5.82 4.98
CA PRO B 158 27.95 -4.81 4.12
C PRO B 158 27.86 -5.12 2.63
N ASP B 159 27.69 -4.07 1.82
CA ASP B 159 27.61 -4.20 0.36
C ASP B 159 29.03 -3.92 -0.15
N PHE B 160 29.82 -3.26 0.69
CA PHE B 160 31.18 -2.90 0.38
C PHE B 160 31.90 -2.67 1.69
N VAL B 161 33.14 -3.15 1.76
CA VAL B 161 33.98 -3.04 2.95
C VAL B 161 35.21 -2.16 2.67
N VAL B 162 35.56 -1.31 3.63
CA VAL B 162 36.70 -0.41 3.53
C VAL B 162 37.68 -0.67 4.68
N LEU B 163 38.92 -1.01 4.33
CA LEU B 163 39.94 -1.26 5.35
C LEU B 163 40.87 -0.06 5.38
N ASN B 164 40.84 0.69 6.46
CA ASN B 164 41.72 1.83 6.54
C ASN B 164 42.97 1.46 7.34
N ALA B 165 44.04 1.13 6.61
CA ALA B 165 45.31 0.76 7.21
C ALA B 165 46.38 1.79 6.88
N SER B 166 46.10 3.05 7.21
CA SER B 166 47.03 4.13 6.94
C SER B 166 48.42 3.89 7.53
N LYS B 167 48.47 3.42 8.77
CA LYS B 167 49.73 3.15 9.46
C LYS B 167 50.62 2.14 8.72
N ALA B 168 50.08 1.46 7.72
CA ALA B 168 50.85 0.49 6.97
C ALA B 168 51.17 1.09 5.60
N LYS B 169 52.24 0.59 4.97
CA LYS B 169 52.64 1.09 3.66
C LYS B 169 53.11 -0.07 2.79
N VAL B 170 53.23 0.19 1.49
CA VAL B 170 53.66 -0.84 0.54
C VAL B 170 55.14 -0.65 0.20
N GLU B 171 55.97 -1.61 0.57
CA GLU B 171 57.40 -1.50 0.29
C GLU B 171 57.75 -2.07 -1.08
N ASN B 172 57.17 -3.21 -1.43
CA ASN B 172 57.42 -3.83 -2.72
C ASN B 172 56.39 -3.35 -3.74
N PHE B 173 56.05 -2.06 -3.65
CA PHE B 173 55.05 -1.46 -4.51
C PHE B 173 55.44 -1.43 -5.99
N LYS B 174 56.73 -1.51 -6.25
CA LYS B 174 57.24 -1.47 -7.61
C LYS B 174 56.95 -2.73 -8.43
N GLU B 175 56.97 -3.90 -7.78
CA GLU B 175 56.72 -5.15 -8.48
C GLU B 175 55.22 -5.46 -8.53
N LEU B 176 54.44 -4.77 -7.70
CA LEU B 176 53.00 -4.95 -7.66
C LEU B 176 52.31 -4.03 -8.67
N GLY B 177 53.12 -3.21 -9.33
CA GLY B 177 52.60 -2.29 -10.32
C GLY B 177 51.97 -1.04 -9.73
N LEU B 178 52.49 -0.59 -8.58
CA LEU B 178 51.95 0.60 -7.95
C LEU B 178 52.76 1.86 -8.26
N ASN B 179 52.41 2.96 -7.61
CA ASN B 179 53.09 4.21 -7.89
C ASN B 179 54.04 4.63 -6.78
N SER B 180 53.66 4.34 -5.55
CA SER B 180 54.48 4.68 -4.41
C SER B 180 54.15 3.74 -3.27
N GLU B 181 54.60 4.09 -2.06
CA GLU B 181 54.35 3.26 -0.90
C GLU B 181 52.90 3.41 -0.46
N THR B 182 52.31 4.52 -0.86
CA THR B 182 50.92 4.84 -0.55
C THR B 182 50.03 4.10 -1.55
N ALA B 183 48.88 3.60 -1.08
CA ALA B 183 47.97 2.89 -1.96
C ALA B 183 46.51 2.97 -1.55
N VAL B 184 45.64 3.14 -2.54
CA VAL B 184 44.20 3.21 -2.34
C VAL B 184 43.61 2.36 -3.47
N VAL B 185 43.40 1.07 -3.20
CA VAL B 185 42.89 0.15 -4.22
C VAL B 185 41.46 -0.32 -3.98
N PHE B 186 40.81 -0.69 -5.08
CA PHE B 186 39.43 -1.11 -5.06
C PHE B 186 39.29 -2.44 -5.80
N ASN B 187 38.62 -3.39 -5.17
CA ASN B 187 38.40 -4.68 -5.80
C ASN B 187 36.90 -4.90 -5.86
N LEU B 188 36.33 -4.77 -7.05
CA LEU B 188 34.90 -4.94 -7.23
C LEU B 188 34.47 -6.39 -7.11
N ALA B 189 35.43 -7.31 -7.14
CA ALA B 189 35.07 -8.72 -7.02
C ALA B 189 34.78 -9.02 -5.56
N GLU B 190 35.63 -8.49 -4.67
CA GLU B 190 35.50 -8.69 -3.24
C GLU B 190 34.76 -7.53 -2.59
N LYS B 191 34.39 -6.55 -3.41
CA LYS B 191 33.66 -5.39 -2.96
C LYS B 191 34.38 -4.79 -1.76
N MET B 192 35.62 -4.40 -1.97
CA MET B 192 36.44 -3.87 -0.88
C MET B 192 37.41 -2.78 -1.32
N GLN B 193 37.81 -1.96 -0.36
CA GLN B 193 38.76 -0.89 -0.62
C GLN B 193 39.84 -0.96 0.47
N ILE B 194 41.08 -0.74 0.09
CA ILE B 194 42.17 -0.75 1.04
C ILE B 194 42.88 0.58 1.01
N ILE B 195 43.12 1.13 2.19
CA ILE B 195 43.81 2.42 2.30
C ILE B 195 45.15 2.20 2.97
N LEU B 196 46.22 2.57 2.27
CA LEU B 196 47.55 2.39 2.83
C LEU B 196 48.40 3.65 2.79
N ASN B 197 49.14 3.84 3.88
CA ASN B 197 50.09 4.94 4.03
C ASN B 197 49.53 6.33 3.85
N THR B 198 48.20 6.43 3.64
CA THR B 198 47.57 7.74 3.48
C THR B 198 46.52 7.94 4.58
N TRP B 199 46.64 9.06 5.27
CA TRP B 199 45.77 9.42 6.38
C TRP B 199 44.69 10.43 6.04
N TYR B 200 44.69 10.94 4.81
CA TYR B 200 43.69 11.92 4.41
C TYR B 200 42.31 11.27 4.52
N GLY B 201 41.42 11.89 5.29
CA GLY B 201 40.08 11.34 5.47
C GLY B 201 39.32 11.32 4.16
N GLY B 202 39.63 12.28 3.30
CA GLY B 202 38.98 12.40 2.02
C GLY B 202 39.05 11.15 1.17
N GLU B 203 40.06 10.32 1.42
CA GLU B 203 40.20 9.09 0.65
C GLU B 203 39.03 8.15 0.89
N MET B 204 38.48 8.20 2.10
CA MET B 204 37.35 7.36 2.45
C MET B 204 36.07 7.88 1.85
N LYS B 205 35.86 9.20 1.97
CA LYS B 205 34.67 9.82 1.43
C LYS B 205 34.58 9.66 -0.10
N LYS B 206 35.58 10.19 -0.82
CA LYS B 206 35.64 10.15 -2.28
C LYS B 206 35.90 8.75 -2.84
N GLY B 207 36.40 7.85 -1.98
CA GLY B 207 36.64 6.50 -2.43
C GLY B 207 35.26 5.90 -2.57
N MET B 208 34.47 6.05 -1.52
CA MET B 208 33.11 5.54 -1.56
C MET B 208 32.32 6.26 -2.63
N PHE B 209 32.59 7.55 -2.80
CA PHE B 209 31.91 8.32 -3.84
C PHE B 209 32.17 7.67 -5.21
N SER B 210 33.42 7.24 -5.43
CA SER B 210 33.78 6.59 -6.69
C SER B 210 33.02 5.28 -6.89
N MET B 211 32.82 4.55 -5.80
CA MET B 211 32.12 3.29 -5.92
C MET B 211 30.63 3.61 -6.17
N MET B 212 30.11 4.67 -5.56
CA MET B 212 28.72 5.01 -5.82
C MET B 212 28.61 5.39 -7.31
N ASN B 213 29.62 6.10 -7.83
CA ASN B 213 29.61 6.49 -9.23
C ASN B 213 29.72 5.30 -10.19
N PHE B 214 29.99 4.12 -9.66
CA PHE B 214 30.08 2.93 -10.49
C PHE B 214 28.74 2.18 -10.47
N TYR B 215 28.34 1.73 -9.28
CA TYR B 215 27.09 0.97 -9.13
C TYR B 215 25.80 1.68 -9.47
N LEU B 216 25.62 2.91 -9.01
CA LEU B 216 24.35 3.59 -9.30
C LEU B 216 24.02 3.87 -10.76
N PRO B 217 24.98 4.42 -11.52
CA PRO B 217 24.63 4.69 -12.93
C PRO B 217 24.31 3.39 -13.69
N LEU B 218 25.00 2.31 -13.35
CA LEU B 218 24.76 1.03 -14.02
C LEU B 218 23.34 0.54 -13.76
N GLN B 219 22.72 1.06 -12.71
CA GLN B 219 21.36 0.68 -12.36
C GLN B 219 20.36 1.73 -12.83
N GLY B 220 20.83 2.70 -13.60
CA GLY B 220 19.95 3.73 -14.10
C GLY B 220 19.78 4.83 -13.08
N ILE B 221 20.56 4.77 -12.00
CA ILE B 221 20.47 5.80 -10.97
C ILE B 221 21.61 6.79 -11.23
N ALA B 222 21.30 8.07 -11.31
CA ALA B 222 22.36 9.04 -11.56
C ALA B 222 23.19 9.30 -10.31
N ALA B 223 24.46 9.56 -10.54
CA ALA B 223 25.41 9.84 -9.47
C ALA B 223 26.02 11.19 -9.83
N MET B 224 25.82 12.16 -8.96
CA MET B 224 26.29 13.50 -9.24
C MET B 224 27.18 14.15 -8.20
N HIS B 225 28.18 14.86 -8.67
CA HIS B 225 29.05 15.58 -7.76
C HIS B 225 28.41 16.97 -7.76
N CYS B 226 27.48 17.18 -6.83
CA CYS B 226 26.77 18.45 -6.76
C CYS B 226 26.19 18.70 -5.37
N SER B 227 25.69 19.91 -5.15
CA SER B 227 25.04 20.19 -3.89
C SER B 227 23.58 20.26 -4.32
N ALA B 228 22.67 20.24 -3.36
CA ALA B 228 21.25 20.28 -3.69
C ALA B 228 20.45 20.89 -2.56
N ASN B 229 19.41 21.63 -2.93
CA ASN B 229 18.56 22.20 -1.92
C ASN B 229 17.10 22.21 -2.39
N THR B 230 16.23 22.60 -1.47
CA THR B 230 14.81 22.65 -1.71
C THR B 230 14.26 23.93 -1.12
N ASP B 231 12.95 24.13 -1.26
CA ASP B 231 12.28 25.31 -0.68
C ASP B 231 12.01 24.97 0.80
N LEU B 232 11.41 25.88 1.54
CA LEU B 232 11.17 25.59 2.94
C LEU B 232 10.27 24.40 3.17
N GLU B 233 9.50 24.02 2.15
CA GLU B 233 8.60 22.88 2.27
C GLU B 233 9.21 21.60 1.75
N GLY B 234 10.52 21.59 1.57
CA GLY B 234 11.19 20.40 1.07
C GLY B 234 10.89 20.09 -0.39
N LYS B 235 10.28 21.01 -1.11
CA LYS B 235 9.94 20.79 -2.53
C LYS B 235 10.73 21.71 -3.46
N ASN B 236 10.45 21.59 -4.77
CA ASN B 236 11.13 22.42 -5.76
C ASN B 236 12.64 22.24 -5.64
N THR B 237 13.08 21.00 -5.77
CA THR B 237 14.49 20.67 -5.66
C THR B 237 15.33 21.27 -6.79
N ALA B 238 16.53 21.70 -6.42
CA ALA B 238 17.46 22.29 -7.38
C ALA B 238 18.83 21.72 -7.09
N ILE B 239 19.56 21.34 -8.14
CA ILE B 239 20.89 20.82 -7.94
C ILE B 239 21.89 21.78 -8.58
N PHE B 240 23.03 21.93 -7.90
CA PHE B 240 24.09 22.84 -8.32
C PHE B 240 25.43 22.17 -8.56
N PHE B 241 25.94 22.30 -9.78
CA PHE B 241 27.24 21.74 -10.17
C PHE B 241 28.20 22.89 -10.34
N GLY B 242 29.45 22.69 -9.95
CA GLY B 242 30.44 23.76 -10.10
C GLY B 242 31.73 23.47 -9.38
N LEU B 243 32.85 23.72 -10.06
CA LEU B 243 34.17 23.51 -9.48
C LEU B 243 34.51 24.69 -8.57
N SER B 244 35.64 24.58 -7.89
CA SER B 244 36.12 25.63 -6.98
C SER B 244 36.10 27.03 -7.60
N GLY B 245 35.71 28.01 -6.79
CA GLY B 245 35.68 29.39 -7.27
C GLY B 245 34.39 29.80 -7.93
N THR B 246 33.53 28.82 -8.23
CA THR B 246 32.28 29.15 -8.89
C THR B 246 31.23 29.66 -7.93
N GLY B 247 31.53 29.59 -6.64
CA GLY B 247 30.59 30.06 -5.64
C GLY B 247 29.44 29.07 -5.40
N LYS B 248 29.66 27.83 -5.79
CA LYS B 248 28.62 26.81 -5.62
C LYS B 248 28.05 26.80 -4.21
N THR B 249 28.93 26.56 -3.24
CA THR B 249 28.54 26.51 -1.85
C THR B 249 27.70 27.74 -1.50
N THR B 250 28.26 28.93 -1.74
CA THR B 250 27.57 30.17 -1.44
C THR B 250 26.21 30.30 -2.14
N LEU B 251 26.16 29.97 -3.42
CA LEU B 251 24.94 30.06 -4.20
C LEU B 251 23.88 29.03 -3.79
N SER B 252 24.31 27.85 -3.36
CA SER B 252 23.37 26.82 -2.93
C SER B 252 22.97 26.99 -1.46
N THR B 253 23.51 28.04 -0.80
CA THR B 253 23.19 28.35 0.60
C THR B 253 22.29 29.57 0.64
N ASP B 254 21.03 29.36 0.99
CA ASP B 254 20.07 30.46 1.04
C ASP B 254 19.14 30.26 2.24
N PRO B 255 18.93 31.31 3.04
CA PRO B 255 18.05 31.21 4.22
C PRO B 255 16.63 30.77 3.90
N LYS B 256 16.27 30.81 2.62
CA LYS B 256 14.94 30.40 2.21
C LYS B 256 15.03 29.04 1.53
N ARG B 257 16.17 28.37 1.70
CA ARG B 257 16.40 27.07 1.10
C ARG B 257 16.90 26.07 2.12
N LEU B 258 16.44 24.83 2.02
CA LEU B 258 16.87 23.78 2.93
C LEU B 258 17.95 22.94 2.20
N LEU B 259 19.03 22.68 2.90
CA LEU B 259 20.15 21.91 2.35
C LEU B 259 19.84 20.42 2.35
N ILE B 260 20.09 19.76 1.23
CA ILE B 260 19.86 18.32 1.13
C ILE B 260 21.24 17.69 1.31
N GLY B 261 22.21 18.34 0.71
CA GLY B 261 23.57 17.86 0.79
C GLY B 261 24.41 18.88 0.07
N ASP B 262 25.69 18.92 0.35
CA ASP B 262 26.54 19.89 -0.29
C ASP B 262 27.58 19.33 -1.26
N ASP B 263 27.59 18.02 -1.50
CA ASP B 263 28.65 17.47 -2.34
C ASP B 263 28.36 16.22 -3.20
N GLU B 264 27.60 15.26 -2.67
CA GLU B 264 27.31 14.03 -3.43
C GLU B 264 25.87 13.60 -3.38
N HIS B 265 25.28 13.48 -4.56
CA HIS B 265 23.90 13.10 -4.67
C HIS B 265 23.62 12.07 -5.72
N GLY B 266 22.46 11.45 -5.56
CA GLY B 266 22.03 10.47 -6.51
C GLY B 266 20.69 10.96 -6.98
N TRP B 267 20.15 10.26 -7.98
CA TRP B 267 18.88 10.58 -8.54
C TRP B 267 18.25 9.28 -9.04
N ASP B 268 17.33 8.73 -8.26
CA ASP B 268 16.64 7.49 -8.63
C ASP B 268 15.17 7.79 -8.91
N ASP B 269 14.34 6.75 -8.97
CA ASP B 269 12.92 6.94 -9.27
C ASP B 269 12.18 7.79 -8.23
N ASP B 270 12.66 7.79 -7.00
CA ASP B 270 12.00 8.56 -5.95
C ASP B 270 12.43 10.01 -5.91
N GLY B 271 13.65 10.28 -6.36
CA GLY B 271 14.08 11.66 -6.35
C GLY B 271 15.56 11.86 -6.11
N VAL B 272 15.89 13.05 -5.60
CA VAL B 272 17.26 13.38 -5.33
C VAL B 272 17.60 13.07 -3.88
N PHE B 273 18.73 12.43 -3.67
CA PHE B 273 19.14 12.10 -2.32
C PHE B 273 20.64 12.24 -2.13
N ASN B 274 20.98 12.69 -0.93
CA ASN B 274 22.35 12.89 -0.50
C ASN B 274 22.97 11.51 -0.20
N PHE B 275 24.20 11.28 -0.67
CA PHE B 275 24.92 10.03 -0.42
C PHE B 275 25.48 10.08 0.99
N GLU B 276 25.70 11.30 1.48
CA GLU B 276 26.32 11.50 2.77
C GLU B 276 25.41 11.86 3.94
N GLY B 277 26.01 11.81 5.14
CA GLY B 277 25.31 12.14 6.37
C GLY B 277 25.97 13.32 7.07
N GLY B 278 26.84 14.01 6.34
CA GLY B 278 27.54 15.15 6.90
C GLY B 278 28.26 15.91 5.81
N CYS B 279 28.93 17.00 6.19
CA CYS B 279 29.64 17.84 5.25
C CYS B 279 31.14 17.86 5.56
N TYR B 280 31.95 17.91 4.50
CA TYR B 280 33.40 17.92 4.62
C TYR B 280 33.90 19.22 3.99
N ALA B 281 33.69 20.31 4.72
CA ALA B 281 34.05 21.65 4.26
C ALA B 281 35.51 22.06 4.40
N LYS B 282 35.97 22.89 3.47
CA LYS B 282 37.34 23.39 3.52
C LYS B 282 37.25 24.58 4.47
N VAL B 283 38.24 24.73 5.35
CA VAL B 283 38.22 25.84 6.30
C VAL B 283 39.40 26.80 6.19
N ILE B 284 39.96 26.98 5.01
CA ILE B 284 41.08 27.90 4.86
C ILE B 284 40.52 29.33 4.87
N ASN B 285 41.20 30.21 5.59
CA ASN B 285 40.77 31.61 5.67
C ASN B 285 39.30 31.70 6.04
N LEU B 286 38.87 30.79 6.91
CA LEU B 286 37.48 30.77 7.37
C LEU B 286 37.20 31.94 8.29
N SER B 287 35.95 32.38 8.30
CA SER B 287 35.55 33.50 9.14
C SER B 287 34.11 33.33 9.58
N LYS B 288 33.82 33.72 10.83
CA LYS B 288 32.48 33.61 11.38
C LYS B 288 31.50 34.54 10.68
N GLU B 289 32.03 35.61 10.11
CA GLU B 289 31.20 36.60 9.43
C GLU B 289 30.73 36.12 8.06
N ASN B 290 31.68 35.60 7.29
CA ASN B 290 31.35 35.14 5.95
C ASN B 290 30.62 33.80 5.92
N GLU B 291 31.09 32.82 6.69
CA GLU B 291 30.45 31.51 6.69
C GLU B 291 29.89 31.11 8.06
N PRO B 292 28.80 31.76 8.48
CA PRO B 292 28.19 31.43 9.78
C PRO B 292 27.83 29.96 9.92
N ASP B 293 27.20 29.40 8.89
CA ASP B 293 26.80 27.99 8.92
C ASP B 293 27.96 27.03 9.21
N ILE B 294 29.05 27.14 8.45
CA ILE B 294 30.19 26.26 8.66
C ILE B 294 30.85 26.55 10.01
N TRP B 295 31.02 27.83 10.32
CA TRP B 295 31.63 28.25 11.58
C TRP B 295 30.85 27.68 12.78
N GLY B 296 29.55 27.90 12.79
CA GLY B 296 28.73 27.38 13.88
C GLY B 296 28.60 25.87 13.87
N ALA B 297 29.15 25.23 12.84
CA ALA B 297 29.09 23.77 12.74
C ALA B 297 30.34 23.18 13.38
N ILE B 298 31.34 24.02 13.59
CA ILE B 298 32.58 23.58 14.19
C ILE B 298 32.49 23.62 15.71
N LYS B 299 32.08 22.49 16.28
CA LYS B 299 31.95 22.34 17.73
C LYS B 299 32.20 20.87 18.06
N ARG B 300 31.84 20.45 19.28
CA ARG B 300 32.04 19.06 19.66
C ARG B 300 31.27 18.12 18.73
N ASN B 301 31.99 17.10 18.26
CA ASN B 301 31.50 16.07 17.34
C ASN B 301 32.03 16.35 15.94
N ALA B 302 32.25 17.63 15.67
CA ALA B 302 32.80 18.04 14.39
C ALA B 302 34.27 17.68 14.48
N LEU B 303 34.91 17.42 13.34
CA LEU B 303 36.33 17.05 13.35
C LEU B 303 37.22 17.89 12.44
N LEU B 304 37.91 18.88 13.00
CA LEU B 304 38.83 19.72 12.21
C LEU B 304 40.02 18.87 11.79
N GLU B 305 40.49 19.09 10.57
CA GLU B 305 41.61 18.31 10.05
C GLU B 305 42.74 19.21 9.54
N ASN B 306 43.91 19.03 10.14
CA ASN B 306 45.11 19.77 9.78
C ASN B 306 45.09 21.29 9.99
N VAL B 307 44.13 21.78 10.77
CA VAL B 307 44.06 23.20 11.04
C VAL B 307 45.15 23.52 12.08
N THR B 308 45.61 24.77 12.07
CA THR B 308 46.64 25.20 13.00
C THR B 308 46.04 25.59 14.33
N VAL B 309 46.60 25.05 15.40
CA VAL B 309 46.15 25.33 16.75
C VAL B 309 47.38 25.60 17.59
N ASP B 310 47.32 26.65 18.40
CA ASP B 310 48.44 27.00 19.27
C ASP B 310 48.39 26.18 20.55
N ALA B 311 49.31 26.46 21.46
CA ALA B 311 49.38 25.75 22.73
C ALA B 311 48.16 26.05 23.62
N ASN B 312 47.57 27.23 23.42
CA ASN B 312 46.42 27.67 24.20
C ASN B 312 45.12 27.05 23.68
N GLY B 313 45.21 26.38 22.54
CA GLY B 313 44.04 25.74 21.98
C GLY B 313 43.32 26.59 20.93
N LYS B 314 43.84 27.77 20.65
CA LYS B 314 43.23 28.65 19.66
C LYS B 314 43.57 28.18 18.24
N VAL B 315 42.59 28.23 17.33
CA VAL B 315 42.82 27.78 15.96
C VAL B 315 42.99 28.93 14.98
N ASP B 316 43.93 28.78 14.04
CA ASP B 316 44.16 29.81 13.04
C ASP B 316 43.70 29.29 11.69
N PHE B 317 42.48 29.61 11.31
CA PHE B 317 41.92 29.17 10.05
C PHE B 317 42.61 29.82 8.86
N ALA B 318 43.20 30.98 9.09
CA ALA B 318 43.90 31.72 8.06
C ALA B 318 45.31 31.17 7.82
N ASP B 319 45.78 30.35 8.76
CA ASP B 319 47.12 29.78 8.64
C ASP B 319 47.17 28.58 7.68
N LYS B 320 48.09 28.64 6.72
CA LYS B 320 48.25 27.56 5.76
C LYS B 320 49.69 27.04 5.78
N SER B 321 50.26 26.90 6.97
CA SER B 321 51.63 26.43 7.13
C SER B 321 51.80 24.96 6.77
N VAL B 322 50.96 24.10 7.36
CA VAL B 322 51.02 22.66 7.08
C VAL B 322 50.40 22.34 5.71
N THR B 323 49.26 22.95 5.45
CA THR B 323 48.56 22.74 4.18
C THR B 323 47.50 23.81 3.93
N GLU B 324 47.09 23.92 2.68
CA GLU B 324 46.05 24.87 2.31
C GLU B 324 44.72 24.12 2.31
N ASN B 325 44.77 22.80 2.27
CA ASN B 325 43.57 21.96 2.25
C ASN B 325 43.01 21.67 3.65
N THR B 326 42.87 22.71 4.48
CA THR B 326 42.34 22.51 5.83
C THR B 326 40.88 22.12 5.74
N ARG B 327 40.53 21.02 6.39
CA ARG B 327 39.18 20.51 6.33
C ARG B 327 38.48 20.39 7.66
N VAL B 328 37.21 20.02 7.58
CA VAL B 328 36.40 19.83 8.78
C VAL B 328 35.17 19.04 8.40
N SER B 329 34.98 17.93 9.11
CA SER B 329 33.83 17.07 8.87
C SER B 329 32.89 17.23 10.06
N TYR B 330 31.60 17.10 9.80
CA TYR B 330 30.62 17.21 10.87
C TYR B 330 29.26 16.70 10.40
N PRO B 331 28.52 16.04 11.29
CA PRO B 331 27.21 15.53 10.90
C PRO B 331 26.41 16.65 10.24
N ILE B 332 25.54 16.28 9.32
CA ILE B 332 24.74 17.24 8.60
C ILE B 332 23.80 18.01 9.52
N PHE B 333 23.33 17.39 10.59
CA PHE B 333 22.41 18.09 11.47
C PHE B 333 23.03 19.29 12.20
N HIS B 334 24.33 19.52 11.99
CA HIS B 334 25.01 20.65 12.58
C HIS B 334 24.71 21.93 11.78
N ILE B 335 23.91 21.77 10.73
CA ILE B 335 23.50 22.89 9.90
C ILE B 335 22.02 23.02 10.15
N LYS B 336 21.57 24.24 10.43
CA LYS B 336 20.16 24.50 10.73
C LYS B 336 19.23 24.32 9.53
N ASN B 337 19.61 24.86 8.38
CA ASN B 337 18.76 24.77 7.21
C ASN B 337 18.91 23.51 6.35
N ILE B 338 18.50 22.38 6.91
CA ILE B 338 18.60 21.12 6.22
C ILE B 338 17.25 20.43 6.08
N VAL B 339 17.15 19.55 5.10
CA VAL B 339 15.94 18.81 4.88
C VAL B 339 15.88 17.75 5.97
N LYS B 340 14.69 17.55 6.52
CA LYS B 340 14.45 16.56 7.59
C LYS B 340 13.20 15.76 7.28
N PRO B 341 13.10 14.54 7.82
CA PRO B 341 14.04 13.84 8.69
C PRO B 341 15.19 13.13 7.96
N VAL B 342 15.08 12.98 6.65
CA VAL B 342 16.11 12.32 5.85
C VAL B 342 16.64 13.26 4.76
N SER B 343 17.92 13.12 4.39
CA SER B 343 18.51 13.98 3.36
C SER B 343 18.16 13.55 1.94
N LYS B 344 16.91 13.78 1.55
CA LYS B 344 16.46 13.43 0.22
C LYS B 344 15.25 14.28 -0.10
N ALA B 345 14.93 14.35 -1.38
CA ALA B 345 13.81 15.16 -1.80
C ALA B 345 13.32 14.72 -3.15
N PRO B 346 12.26 15.37 -3.65
CA PRO B 346 11.74 14.98 -4.96
C PRO B 346 12.72 15.33 -6.08
N ALA B 347 12.46 14.78 -7.26
CA ALA B 347 13.28 15.00 -8.44
C ALA B 347 13.56 16.49 -8.60
N ALA B 348 14.71 16.85 -9.13
CA ALA B 348 15.03 18.26 -9.30
C ALA B 348 14.28 18.87 -10.49
N LYS B 349 13.95 20.15 -10.39
CA LYS B 349 13.25 20.84 -11.45
C LYS B 349 14.26 21.70 -12.17
N ARG B 350 15.27 22.15 -11.43
CA ARG B 350 16.29 23.00 -11.99
C ARG B 350 17.68 22.43 -11.75
N VAL B 351 18.45 22.34 -12.83
CA VAL B 351 19.81 21.84 -12.77
C VAL B 351 20.68 23.00 -13.17
N ILE B 352 21.49 23.46 -12.23
CA ILE B 352 22.34 24.62 -12.45
C ILE B 352 23.82 24.26 -12.57
N PHE B 353 24.38 24.56 -13.73
CA PHE B 353 25.80 24.30 -13.97
C PHE B 353 26.55 25.64 -13.77
N LEU B 354 27.28 25.75 -12.66
CA LEU B 354 28.03 26.95 -12.37
C LEU B 354 29.37 26.94 -13.05
N SER B 355 29.82 28.13 -13.47
CA SER B 355 31.08 28.29 -14.16
C SER B 355 31.61 29.72 -13.98
N ALA B 356 32.88 29.86 -13.59
CA ALA B 356 33.47 31.19 -13.41
C ALA B 356 34.33 31.47 -14.62
N ASP B 357 33.73 32.09 -15.61
CA ASP B 357 34.40 32.38 -16.85
C ASP B 357 35.30 33.60 -16.69
N ALA B 358 36.59 33.36 -16.60
CA ALA B 358 37.55 34.44 -16.44
C ALA B 358 37.72 35.20 -17.76
N PHE B 359 37.22 34.61 -18.85
CA PHE B 359 37.30 35.21 -20.17
C PHE B 359 36.21 36.23 -20.42
N GLY B 360 35.19 36.25 -19.58
CA GLY B 360 34.09 37.18 -19.78
C GLY B 360 33.35 36.91 -21.10
N VAL B 361 33.28 35.65 -21.52
CA VAL B 361 32.59 35.27 -22.74
C VAL B 361 31.20 34.72 -22.48
N LEU B 362 31.12 33.73 -21.60
CA LEU B 362 29.86 33.10 -21.24
C LEU B 362 28.92 34.10 -20.62
N PRO B 363 27.63 34.07 -21.00
CA PRO B 363 26.66 34.99 -20.45
C PRO B 363 26.27 34.60 -19.01
N PRO B 364 25.76 35.56 -18.23
CA PRO B 364 25.36 35.29 -16.84
C PRO B 364 24.56 33.99 -16.72
N VAL B 365 23.60 33.79 -17.62
CA VAL B 365 22.81 32.57 -17.60
C VAL B 365 22.30 32.16 -18.97
N SER B 366 22.45 30.88 -19.29
CA SER B 366 22.00 30.32 -20.56
C SER B 366 21.03 29.17 -20.32
N ILE B 367 19.96 29.10 -21.11
CA ILE B 367 19.00 28.01 -20.97
C ILE B 367 19.46 26.93 -21.95
N LEU B 368 19.97 25.84 -21.41
CA LEU B 368 20.49 24.74 -22.19
C LEU B 368 19.45 23.79 -22.73
N SER B 369 19.75 23.20 -23.87
CA SER B 369 18.87 22.22 -24.48
C SER B 369 19.48 20.88 -24.08
N LYS B 370 18.71 19.80 -24.27
CA LYS B 370 19.18 18.46 -23.92
C LYS B 370 20.59 18.17 -24.42
N GLU B 371 20.88 18.52 -25.66
CA GLU B 371 22.20 18.27 -26.20
C GLU B 371 23.24 19.09 -25.45
N GLN B 372 22.97 20.39 -25.32
CA GLN B 372 23.87 21.30 -24.62
C GLN B 372 24.09 20.93 -23.15
N THR B 373 23.08 20.30 -22.56
CA THR B 373 23.16 19.90 -21.17
C THR B 373 24.20 18.79 -21.03
N LYS B 374 24.16 17.82 -21.93
CA LYS B 374 25.11 16.73 -21.89
C LYS B 374 26.52 17.25 -22.20
N TYR B 375 26.63 18.07 -23.22
CA TYR B 375 27.91 18.61 -23.64
C TYR B 375 28.61 19.44 -22.56
N TYR B 376 27.91 20.39 -21.95
CA TYR B 376 28.55 21.21 -20.93
C TYR B 376 28.79 20.45 -19.63
N PHE B 377 28.01 19.39 -19.43
CA PHE B 377 28.16 18.57 -18.23
C PHE B 377 29.45 17.76 -18.40
N LEU B 378 29.66 17.24 -19.60
CA LEU B 378 30.85 16.47 -19.90
C LEU B 378 32.08 17.39 -19.90
N SER B 379 31.89 18.65 -20.25
CA SER B 379 33.01 19.58 -20.29
C SER B 379 33.50 19.97 -18.89
N GLY B 380 32.60 20.44 -18.04
CA GLY B 380 32.98 20.84 -16.69
C GLY B 380 33.99 21.97 -16.72
N PHE B 381 33.63 23.07 -17.39
CA PHE B 381 34.46 24.26 -17.54
C PHE B 381 34.35 25.22 -16.36
N THR B 382 35.49 25.75 -15.91
CA THR B 382 35.52 26.70 -14.80
C THR B 382 36.93 27.26 -14.66
N ALA B 383 37.29 28.14 -15.58
CA ALA B 383 38.62 28.75 -15.56
C ALA B 383 39.12 29.08 -14.15
N PRO B 397 41.29 28.16 -17.37
CA PRO B 397 40.71 27.19 -18.31
C PRO B 397 40.83 25.76 -17.79
N THR B 398 39.95 25.36 -16.88
CA THR B 398 40.01 24.00 -16.32
C THR B 398 38.80 23.18 -16.72
N PHE B 399 39.06 21.96 -17.19
CA PHE B 399 37.97 21.09 -17.60
C PHE B 399 37.91 19.88 -16.70
N SER B 400 36.77 19.66 -16.05
CA SER B 400 36.65 18.49 -15.22
C SER B 400 35.32 17.90 -15.59
N SER B 401 35.39 16.75 -16.24
CA SER B 401 34.20 16.06 -16.71
C SER B 401 33.22 15.75 -15.59
N CYS B 402 31.97 16.18 -15.80
CA CYS B 402 30.87 16.00 -14.86
C CYS B 402 31.19 16.61 -13.51
N PHE B 403 32.02 17.64 -13.56
CA PHE B 403 32.44 18.38 -12.38
C PHE B 403 33.10 17.46 -11.35
N GLY B 404 33.70 16.39 -11.85
CA GLY B 404 34.37 15.43 -10.98
C GLY B 404 35.04 14.29 -11.73
N ALA B 405 35.91 14.60 -12.69
CA ALA B 405 36.58 13.57 -13.47
C ALA B 405 37.34 12.54 -12.66
N ALA B 406 38.01 12.99 -11.61
CA ALA B 406 38.79 12.08 -10.76
C ALA B 406 37.94 10.98 -10.09
N PHE B 407 36.62 11.14 -10.10
CA PHE B 407 35.80 10.14 -9.43
C PHE B 407 34.93 9.31 -10.37
N LEU B 408 35.12 9.53 -11.67
CA LEU B 408 34.38 8.82 -12.70
C LEU B 408 34.92 7.42 -12.94
N THR B 409 34.20 6.40 -12.48
CA THR B 409 34.67 5.03 -12.66
C THR B 409 33.99 4.39 -13.88
N LEU B 410 33.14 5.18 -14.52
CA LEU B 410 32.43 4.77 -15.70
C LEU B 410 32.69 5.86 -16.73
N PRO B 411 32.48 5.55 -18.03
CA PRO B 411 32.71 6.55 -19.07
C PRO B 411 31.80 7.74 -18.80
N PRO B 412 32.36 8.96 -18.86
CA PRO B 412 31.57 10.18 -18.60
C PRO B 412 30.25 10.30 -19.33
N THR B 413 30.18 9.79 -20.55
CA THR B 413 28.96 9.86 -21.31
C THR B 413 27.83 9.17 -20.57
N LYS B 414 28.17 8.19 -19.76
CA LYS B 414 27.22 7.41 -18.96
C LYS B 414 26.52 8.20 -17.85
N TYR B 415 27.26 9.12 -17.22
CA TYR B 415 26.75 9.96 -16.14
C TYR B 415 25.87 11.05 -16.73
N ALA B 416 26.23 11.47 -17.95
CA ALA B 416 25.48 12.50 -18.64
C ALA B 416 24.13 11.93 -19.14
N GLU B 417 24.20 10.72 -19.69
CA GLU B 417 23.05 10.00 -20.21
C GLU B 417 22.01 9.78 -19.09
N VAL B 418 22.44 9.21 -17.97
CA VAL B 418 21.53 8.96 -16.86
C VAL B 418 21.05 10.26 -16.25
N LEU B 419 21.88 11.29 -16.31
CA LEU B 419 21.48 12.58 -15.76
C LEU B 419 20.26 13.14 -16.52
N VAL B 420 20.33 13.18 -17.86
CA VAL B 420 19.23 13.73 -18.65
C VAL B 420 17.98 12.86 -18.65
N LYS B 421 18.18 11.56 -18.47
CA LYS B 421 17.07 10.63 -18.42
C LYS B 421 16.22 11.00 -17.19
N ARG B 422 16.86 11.13 -16.02
CA ARG B 422 16.12 11.47 -14.81
C ARG B 422 15.50 12.87 -14.93
N MET B 423 16.15 13.76 -15.67
CA MET B 423 15.67 15.13 -15.88
C MET B 423 14.39 15.15 -16.72
N GLU B 424 14.35 14.31 -17.76
CA GLU B 424 13.19 14.21 -18.62
C GLU B 424 11.95 13.80 -17.83
N ALA B 425 12.11 12.77 -17.00
CA ALA B 425 11.02 12.27 -16.21
C ALA B 425 10.40 13.35 -15.32
N SER B 426 11.14 14.41 -15.03
CA SER B 426 10.60 15.47 -14.18
C SER B 426 10.49 16.78 -14.91
N GLY B 427 10.88 16.78 -16.19
CA GLY B 427 10.83 17.98 -16.98
C GLY B 427 11.85 19.03 -16.50
N ALA B 428 12.89 18.56 -15.81
CA ALA B 428 13.91 19.46 -15.29
C ALA B 428 14.63 20.23 -16.41
N LYS B 429 15.11 21.41 -16.07
CA LYS B 429 15.82 22.25 -17.03
C LYS B 429 17.19 22.64 -16.50
N ALA B 430 18.19 22.59 -17.36
CA ALA B 430 19.57 22.93 -17.00
C ALA B 430 19.88 24.35 -17.46
N TYR B 431 20.77 25.01 -16.74
CA TYR B 431 21.18 26.37 -17.04
C TYR B 431 22.66 26.50 -16.77
N LEU B 432 23.39 27.11 -17.70
CA LEU B 432 24.81 27.33 -17.50
C LEU B 432 24.88 28.73 -16.90
N VAL B 433 25.57 28.87 -15.79
CA VAL B 433 25.64 30.17 -15.14
C VAL B 433 27.07 30.61 -14.95
N ASN B 434 27.34 31.85 -15.35
CA ASN B 434 28.65 32.43 -15.24
C ASN B 434 28.68 33.31 -14.00
N THR B 435 29.40 32.85 -12.98
CA THR B 435 29.52 33.60 -11.74
C THR B 435 30.83 34.37 -11.79
N GLY B 436 31.49 34.31 -12.94
CA GLY B 436 32.76 34.99 -13.10
C GLY B 436 32.71 36.44 -13.56
N TRP B 437 33.39 36.70 -14.67
CA TRP B 437 33.47 38.05 -15.23
C TRP B 437 32.76 38.22 -16.55
N ASN B 438 32.60 39.48 -16.94
CA ASN B 438 31.96 39.83 -18.21
C ASN B 438 32.85 40.83 -18.93
N GLY B 439 32.23 41.80 -19.58
CA GLY B 439 33.00 42.80 -20.32
C GLY B 439 33.66 43.87 -19.49
N THR B 440 32.93 44.35 -18.47
CA THR B 440 33.43 45.40 -17.57
C THR B 440 34.73 45.02 -16.86
N GLY B 441 35.25 43.83 -17.15
CA GLY B 441 36.47 43.39 -16.51
C GLY B 441 36.34 43.14 -15.02
N LYS B 442 35.14 43.39 -14.48
CA LYS B 442 34.86 43.20 -13.06
C LYS B 442 33.92 42.03 -12.92
N ARG B 443 34.03 41.32 -11.80
CA ARG B 443 33.16 40.17 -11.55
C ARG B 443 31.70 40.58 -11.56
N ILE B 444 30.84 39.65 -11.93
CA ILE B 444 29.41 39.89 -11.95
C ILE B 444 28.95 40.00 -10.49
N SER B 445 28.30 41.12 -10.13
CA SER B 445 27.85 41.31 -8.76
C SER B 445 27.10 40.13 -8.16
N ILE B 446 27.40 39.81 -6.91
CA ILE B 446 26.73 38.70 -6.24
C ILE B 446 25.21 38.89 -6.29
N LYS B 447 24.77 40.14 -6.32
CA LYS B 447 23.34 40.44 -6.36
C LYS B 447 22.73 39.93 -7.67
N ASP B 448 23.44 40.18 -8.76
CA ASP B 448 23.00 39.76 -10.09
C ASP B 448 22.91 38.23 -10.15
N THR B 449 24.02 37.57 -9.83
CA THR B 449 24.05 36.11 -9.86
C THR B 449 22.93 35.52 -8.99
N ARG B 450 22.73 36.06 -7.80
CA ARG B 450 21.68 35.59 -6.91
C ARG B 450 20.32 35.83 -7.55
N GLY B 451 20.18 36.96 -8.24
CA GLY B 451 18.91 37.28 -8.88
C GLY B 451 18.64 36.27 -9.98
N ILE B 452 19.70 35.73 -10.59
CA ILE B 452 19.54 34.74 -11.65
C ILE B 452 19.14 33.40 -11.03
N ILE B 453 19.79 33.05 -9.91
CA ILE B 453 19.47 31.80 -9.23
C ILE B 453 18.02 31.86 -8.78
N ASP B 454 17.57 33.00 -8.26
CA ASP B 454 16.18 33.11 -7.81
C ASP B 454 15.23 33.02 -8.97
N ALA B 455 15.56 33.72 -10.05
CA ALA B 455 14.69 33.70 -11.23
C ALA B 455 14.57 32.28 -11.72
N ILE B 456 15.58 31.46 -11.46
CA ILE B 456 15.54 30.08 -11.89
C ILE B 456 14.75 29.21 -10.93
N LEU B 457 14.96 29.42 -9.64
CA LEU B 457 14.23 28.62 -8.65
C LEU B 457 12.74 28.92 -8.65
N ASP B 458 12.38 30.18 -8.86
CA ASP B 458 10.97 30.57 -8.88
C ASP B 458 10.28 30.30 -10.21
N GLY B 459 11.05 29.93 -11.23
CA GLY B 459 10.45 29.64 -12.53
C GLY B 459 10.40 30.84 -13.47
N SER B 460 10.62 32.04 -12.92
CA SER B 460 10.61 33.28 -13.71
C SER B 460 11.23 33.13 -15.09
N ILE B 461 12.45 32.59 -15.14
CA ILE B 461 13.19 32.43 -16.37
C ILE B 461 12.41 31.68 -17.44
N ASP B 462 11.27 31.13 -17.05
CA ASP B 462 10.42 30.40 -17.99
C ASP B 462 9.62 31.35 -18.88
N THR B 463 9.23 32.49 -18.32
CA THR B 463 8.44 33.49 -19.03
C THR B 463 9.29 34.56 -19.71
N ALA B 464 10.54 34.69 -19.28
CA ALA B 464 11.43 35.69 -19.86
C ALA B 464 11.65 35.43 -21.35
N ASN B 465 11.63 36.51 -22.15
CA ASN B 465 11.85 36.37 -23.57
C ASN B 465 13.33 36.04 -23.75
N THR B 466 13.64 35.29 -24.79
CA THR B 466 15.01 34.89 -25.03
C THR B 466 15.60 35.42 -26.32
N ALA B 467 16.91 35.24 -26.46
CA ALA B 467 17.68 35.65 -27.65
C ALA B 467 18.77 34.61 -27.83
N THR B 468 19.55 34.72 -28.90
CA THR B 468 20.62 33.74 -29.14
C THR B 468 21.99 34.37 -29.21
N ILE B 469 22.99 33.63 -28.76
CA ILE B 469 24.37 34.12 -28.76
C ILE B 469 25.19 33.28 -29.75
N PRO B 470 25.83 33.94 -30.73
CA PRO B 470 26.64 33.29 -31.76
C PRO B 470 27.67 32.30 -31.20
N TYR B 471 28.18 31.45 -32.09
CA TYR B 471 29.18 30.43 -31.78
C TYR B 471 28.69 29.38 -30.79
N PHE B 472 28.43 29.81 -29.57
CA PHE B 472 27.98 28.92 -28.51
C PHE B 472 26.52 28.50 -28.68
N ASN B 473 25.77 29.22 -29.50
CA ASN B 473 24.36 28.89 -29.71
C ASN B 473 23.64 28.86 -28.37
N PHE B 474 23.93 29.85 -27.54
CA PHE B 474 23.30 29.96 -26.23
C PHE B 474 21.98 30.69 -26.32
N THR B 475 21.01 30.19 -25.56
CA THR B 475 19.72 30.83 -25.50
C THR B 475 19.73 31.54 -24.15
N VAL B 476 19.52 32.85 -24.16
CA VAL B 476 19.53 33.62 -22.91
C VAL B 476 18.32 34.53 -22.77
N PRO B 477 17.91 34.80 -21.53
CA PRO B 477 16.75 35.68 -21.31
C PRO B 477 17.12 37.12 -21.60
N THR B 478 16.23 37.84 -22.27
CA THR B 478 16.51 39.23 -22.57
C THR B 478 16.27 40.09 -21.35
N GLU B 479 15.56 39.55 -20.37
CA GLU B 479 15.27 40.30 -19.14
C GLU B 479 14.86 39.36 -18.00
N LEU B 480 15.28 39.69 -16.79
CA LEU B 480 14.96 38.89 -15.60
C LEU B 480 14.69 39.75 -14.38
N LYS B 481 13.65 39.41 -13.64
CA LYS B 481 13.28 40.14 -12.43
C LYS B 481 14.40 40.10 -11.39
N GLY B 482 14.87 41.27 -10.99
CA GLY B 482 15.92 41.34 -9.98
C GLY B 482 17.33 41.23 -10.53
N VAL B 483 17.47 41.32 -11.85
CA VAL B 483 18.78 41.22 -12.49
C VAL B 483 18.99 42.33 -13.53
N ASP B 484 20.21 42.87 -13.58
CA ASP B 484 20.53 43.93 -14.53
C ASP B 484 20.34 43.44 -15.97
N THR B 485 19.44 44.09 -16.70
CA THR B 485 19.16 43.69 -18.08
C THR B 485 20.38 43.81 -19.00
N LYS B 486 21.31 44.67 -18.64
CA LYS B 486 22.51 44.86 -19.45
C LYS B 486 23.40 43.62 -19.51
N ILE B 487 23.86 43.15 -18.34
CA ILE B 487 24.73 41.98 -18.27
C ILE B 487 24.25 40.70 -18.93
N LEU B 488 22.93 40.53 -19.08
CA LEU B 488 22.37 39.31 -19.66
C LEU B 488 23.00 38.90 -20.98
N ASP B 489 23.56 39.87 -21.69
CA ASP B 489 24.23 39.57 -22.94
C ASP B 489 25.70 39.86 -22.71
N PRO B 490 26.56 38.85 -22.92
CA PRO B 490 28.01 38.95 -22.73
C PRO B 490 28.67 40.03 -23.58
N ARG B 491 28.00 40.43 -24.66
CA ARG B 491 28.55 41.45 -25.54
C ARG B 491 28.27 42.87 -25.04
N ASN B 492 27.10 43.08 -24.46
CA ASN B 492 26.68 44.38 -23.95
C ASN B 492 27.70 45.06 -23.03
N THR B 493 28.50 44.28 -22.32
CA THR B 493 29.48 44.86 -21.42
C THR B 493 30.80 45.14 -22.12
N TYR B 494 30.80 45.08 -23.44
CA TYR B 494 32.01 45.34 -24.21
C TYR B 494 31.79 46.56 -25.12
N ALA B 495 32.73 47.50 -25.04
CA ALA B 495 32.64 48.71 -25.86
C ALA B 495 32.53 48.30 -27.32
N ASP B 496 33.17 47.18 -27.65
CA ASP B 496 33.16 46.64 -29.01
C ASP B 496 32.96 45.13 -28.94
N ALA B 497 31.84 44.66 -29.48
CA ALA B 497 31.52 43.23 -29.51
C ALA B 497 32.67 42.45 -30.10
N SER B 498 33.54 43.16 -30.82
CA SER B 498 34.70 42.55 -31.45
C SER B 498 35.59 41.88 -30.42
N GLU B 499 35.88 42.58 -29.32
CA GLU B 499 36.73 42.02 -28.28
C GLU B 499 36.10 40.74 -27.73
N TRP B 500 34.77 40.76 -27.59
CA TRP B 500 34.04 39.61 -27.11
C TRP B 500 34.16 38.48 -28.12
N GLU B 501 33.87 38.79 -29.38
CA GLU B 501 33.91 37.79 -30.43
C GLU B 501 35.26 37.08 -30.52
N VAL B 502 36.35 37.84 -30.37
CA VAL B 502 37.68 37.27 -30.43
C VAL B 502 37.86 36.27 -29.29
N LYS B 503 37.30 36.60 -28.13
CA LYS B 503 37.41 35.72 -26.96
C LYS B 503 36.47 34.50 -27.09
N ALA B 504 35.24 34.72 -27.53
CA ALA B 504 34.30 33.62 -27.70
C ALA B 504 34.90 32.56 -28.63
N LYS B 505 35.49 33.00 -29.73
CA LYS B 505 36.13 32.11 -30.70
C LYS B 505 37.29 31.36 -30.05
N ASP B 506 38.05 32.08 -29.23
CA ASP B 506 39.17 31.47 -28.54
C ASP B 506 38.70 30.45 -27.53
N LEU B 507 37.65 30.79 -26.77
CA LEU B 507 37.11 29.85 -25.79
C LEU B 507 36.42 28.70 -26.53
N ALA B 508 35.79 29.02 -27.66
CA ALA B 508 35.13 27.98 -28.43
C ALA B 508 36.10 26.89 -28.88
N GLU B 509 37.32 27.28 -29.26
CA GLU B 509 38.32 26.31 -29.68
C GLU B 509 38.77 25.52 -28.45
N ARG B 510 38.79 26.20 -27.32
CA ARG B 510 39.19 25.58 -26.05
C ARG B 510 38.31 24.38 -25.78
N PHE B 511 37.00 24.62 -25.75
CA PHE B 511 36.04 23.53 -25.49
C PHE B 511 36.22 22.42 -26.52
N GLN B 512 36.19 22.78 -27.80
CA GLN B 512 36.32 21.78 -28.87
C GLN B 512 37.60 20.94 -28.72
N LYS B 513 38.68 21.60 -28.31
CA LYS B 513 39.96 20.91 -28.11
C LYS B 513 39.82 19.89 -26.97
N ASN B 514 39.20 20.33 -25.88
CA ASN B 514 39.00 19.48 -24.71
C ASN B 514 38.01 18.35 -24.97
N PHE B 515 36.95 18.64 -25.72
CA PHE B 515 35.94 17.62 -25.99
C PHE B 515 36.40 16.56 -27.00
N LYS B 516 37.47 16.85 -27.74
CA LYS B 516 38.00 15.93 -28.73
C LYS B 516 38.09 14.48 -28.20
N LYS B 517 38.49 14.30 -26.94
CA LYS B 517 38.60 12.96 -26.38
C LYS B 517 37.25 12.31 -26.08
N PHE B 518 36.19 13.11 -26.05
CA PHE B 518 34.85 12.56 -25.75
C PHE B 518 34.12 12.03 -26.97
#